data_7JHM
#
_entry.id   7JHM
#
_cell.length_a   82.509
_cell.length_b   76.992
_cell.length_c   134.389
_cell.angle_alpha   90.000
_cell.angle_beta   105.060
_cell.angle_gamma   90.000
#
_symmetry.space_group_name_H-M   'I 1 2 1'
#
loop_
_entity.id
_entity.type
_entity.pdbx_description
1 polymer 'N-acetyllactosaminide beta-1,3-N-acetylglucosaminyltransferase 2'
2 branched alpha-D-mannopyranose-(1-3)-[alpha-D-mannopyranose-(1-6)]beta-D-mannopyranose-(1-4)-2-acetamido-2-deoxy-beta-D-glucopyranose-(1-4)-2-acetamido-2-deoxy-beta-D-glucopyranose
3 branched beta-D-galactopyranose-(1-4)-2-acetamido-2-deoxy-beta-D-glucopyranose
4 non-polymer 2-acetamido-2-deoxy-beta-D-glucopyranose
5 non-polymer 'HEXAETHYLENE GLYCOL'
6 water water
#
_entity_poly.entity_id   1
_entity_poly.type   'polypeptide(L)'
_entity_poly.pdbx_seq_one_letter_code
;MHHHHHHHHENLYFQGSKEKFWKISTPPEAYWNREQEKLNRQYNPILSMLTNQTGEAGRLSNISHLNYCEPDLRVTSVVT
GFNNLPDRFKDFLLYLRCRNYSLLIDQPDKCAKKPFLLLAIKSLTPHFARRQAIRESWGQESNAGNQTVVRVFLLGQTPP
EDNHPDLSDMLKFESEKHQDILMWNYRDTFFNLSLKEVLFLRWVSTSCPDTEFVFKGDDDVFVNTHHILNYLNSLSKTKA
KDLFIGDVIHNAGPHRDKKLKYYIPEVVYSGLYPPYAGGGGFLYSGHLALRLYHITDQVHLYPIDDVYTGMCLQKLGLVP
EKHKGFRTFDIEEKNKNNICSYVDLMLVHSRKPQEMIDIWSQLQSAHLKC
;
_entity_poly.pdbx_strand_id   A,B
#
loop_
_chem_comp.id
_chem_comp.type
_chem_comp.name
_chem_comp.formula
BMA D-saccharide, beta linking beta-D-mannopyranose 'C6 H12 O6'
GAL D-saccharide, beta linking beta-D-galactopyranose 'C6 H12 O6'
MAN D-saccharide, alpha linking alpha-D-mannopyranose 'C6 H12 O6'
NAG D-saccharide, beta linking 2-acetamido-2-deoxy-beta-D-glucopyranose 'C8 H15 N O6'
P6G non-polymer 'HEXAETHYLENE GLYCOL' 'C12 H26 O7'
#
# COMPACT_ATOMS: atom_id res chain seq x y z
N PRO A 28 3.27 -31.39 -4.17
CA PRO A 28 3.47 -29.96 -3.91
C PRO A 28 2.31 -29.35 -3.13
N GLU A 29 2.60 -28.50 -2.15
CA GLU A 29 1.53 -27.87 -1.40
C GLU A 29 0.81 -26.82 -2.24
N ALA A 30 1.54 -26.12 -3.10
CA ALA A 30 0.94 -25.10 -3.95
C ALA A 30 0.00 -25.72 -4.97
N TYR A 31 -1.18 -25.10 -5.15
CA TYR A 31 -2.24 -25.74 -5.92
C TYR A 31 -1.87 -25.89 -7.39
N TRP A 32 -1.36 -24.82 -8.01
CA TRP A 32 -1.07 -24.88 -9.45
C TRP A 32 -0.02 -25.93 -9.75
N ASN A 33 1.08 -25.92 -9.00
CA ASN A 33 2.12 -26.93 -9.18
C ASN A 33 1.53 -28.33 -9.08
N ARG A 34 0.74 -28.58 -8.02
CA ARG A 34 0.16 -29.90 -7.80
C ARG A 34 -0.71 -30.33 -8.97
N GLU A 35 -1.55 -29.44 -9.49
CA GLU A 35 -2.42 -29.81 -10.61
C GLU A 35 -1.63 -29.95 -11.90
N GLN A 36 -0.56 -29.18 -12.07
CA GLN A 36 0.27 -29.31 -13.27
C GLN A 36 0.97 -30.66 -13.30
N GLU A 37 1.44 -31.15 -12.14
CA GLU A 37 2.06 -32.47 -12.09
C GLU A 37 1.08 -33.55 -12.54
N LYS A 38 -0.20 -33.43 -12.13
CA LYS A 38 -1.21 -34.38 -12.58
C LYS A 38 -1.38 -34.31 -14.10
N LEU A 39 -1.37 -33.10 -14.65
CA LEU A 39 -1.37 -32.95 -16.10
C LEU A 39 -0.20 -33.70 -16.72
N ASN A 40 0.99 -33.55 -16.15
CA ASN A 40 2.19 -34.15 -16.73
C ASN A 40 2.07 -35.67 -16.83
N ARG A 41 1.59 -36.31 -15.76
CA ARG A 41 1.53 -37.76 -15.78
C ARG A 41 0.49 -38.27 -16.77
N GLN A 42 -0.57 -37.49 -17.05
CA GLN A 42 -1.53 -37.94 -18.05
C GLN A 42 -1.04 -37.71 -19.48
N TYR A 43 -0.07 -36.83 -19.68
CA TYR A 43 0.52 -36.65 -21.01
C TYR A 43 1.83 -37.39 -21.20
N ASN A 44 2.42 -37.92 -20.14
CA ASN A 44 3.74 -38.54 -20.20
C ASN A 44 3.70 -39.95 -19.62
N PRO A 45 3.54 -40.97 -20.47
CA PRO A 45 3.56 -42.36 -19.98
C PRO A 45 4.75 -42.70 -19.09
N ILE A 46 5.91 -42.07 -19.31
CA ILE A 46 7.11 -42.42 -18.54
C ILE A 46 6.91 -42.18 -17.05
N LEU A 47 5.97 -41.33 -16.67
CA LEU A 47 5.66 -41.09 -15.27
C LEU A 47 4.62 -42.05 -14.73
N SER A 48 4.19 -43.04 -15.53
CA SER A 48 3.21 -44.03 -15.06
C SER A 48 3.67 -44.70 -13.77
N MET A 49 4.96 -44.98 -13.67
CA MET A 49 5.52 -45.75 -12.55
C MET A 49 6.24 -44.85 -11.57
N ASN A 62 -11.69 -37.01 -12.63
CA ASN A 62 -11.31 -37.11 -14.04
C ASN A 62 -12.19 -36.23 -14.92
N ILE A 63 -12.45 -35.01 -14.46
CA ILE A 63 -13.08 -34.02 -15.30
C ILE A 63 -12.05 -33.49 -16.29
N SER A 64 -12.52 -32.99 -17.43
CA SER A 64 -11.61 -32.38 -18.38
C SER A 64 -10.93 -31.17 -17.75
N HIS A 65 -9.70 -30.91 -18.18
CA HIS A 65 -9.02 -29.68 -17.82
C HIS A 65 -9.12 -28.63 -18.92
N LEU A 66 -9.87 -28.91 -19.99
CA LEU A 66 -9.96 -28.03 -21.14
C LEU A 66 -11.36 -27.53 -21.43
N ASN A 67 -12.41 -28.30 -21.15
CA ASN A 67 -13.76 -27.83 -21.46
C ASN A 67 -14.74 -28.09 -20.33
N TYR A 68 -14.27 -28.08 -19.07
CA TYR A 68 -15.15 -28.13 -17.91
C TYR A 68 -15.41 -26.70 -17.46
N CYS A 69 -16.61 -26.20 -17.73
CA CYS A 69 -16.90 -24.78 -17.55
C CYS A 69 -17.90 -24.53 -16.42
N GLU A 70 -18.22 -25.53 -15.64
CA GLU A 70 -18.88 -25.29 -14.37
C GLU A 70 -17.84 -25.07 -13.28
N PRO A 71 -18.21 -24.42 -12.19
CA PRO A 71 -17.22 -24.12 -11.13
C PRO A 71 -16.64 -25.40 -10.53
N ASP A 72 -15.32 -25.41 -10.37
CA ASP A 72 -14.61 -26.54 -9.79
C ASP A 72 -14.67 -26.43 -8.27
N LEU A 73 -15.78 -26.94 -7.72
CA LEU A 73 -16.05 -26.74 -6.30
C LEU A 73 -15.00 -27.36 -5.40
N ARG A 74 -14.21 -28.31 -5.91
CA ARG A 74 -13.20 -28.97 -5.08
C ARG A 74 -12.16 -27.98 -4.57
N VAL A 75 -11.93 -26.87 -5.28
CA VAL A 75 -10.83 -25.98 -4.92
C VAL A 75 -11.03 -25.37 -3.54
N THR A 76 -12.28 -25.17 -3.12
CA THR A 76 -12.51 -24.57 -1.81
C THR A 76 -12.06 -25.51 -0.69
N SER A 77 -12.03 -26.82 -0.94
CA SER A 77 -11.56 -27.76 0.06
C SER A 77 -10.04 -27.86 0.07
N VAL A 78 -9.42 -27.91 -1.12
CA VAL A 78 -8.01 -28.28 -1.20
C VAL A 78 -7.06 -27.09 -1.18
N VAL A 79 -7.54 -25.87 -1.41
CA VAL A 79 -6.72 -24.66 -1.28
C VAL A 79 -6.98 -24.10 0.11
N THR A 80 -5.96 -24.16 0.96
CA THR A 80 -6.11 -23.67 2.33
C THR A 80 -6.20 -22.15 2.35
N GLY A 81 -7.19 -21.63 3.06
CA GLY A 81 -7.46 -20.22 3.04
C GLY A 81 -8.11 -19.72 1.77
N PHE A 82 -8.76 -20.61 0.99
CA PHE A 82 -9.42 -20.19 -0.24
C PHE A 82 -10.36 -19.01 0.00
N ASN A 83 -11.13 -19.07 1.09
CA ASN A 83 -12.18 -18.08 1.32
C ASN A 83 -11.61 -16.69 1.61
N ASN A 84 -10.36 -16.60 2.04
CA ASN A 84 -9.74 -15.31 2.34
C ASN A 84 -8.89 -14.78 1.19
N LEU A 85 -8.94 -15.42 0.01
CA LEU A 85 -8.19 -14.96 -1.14
C LEU A 85 -8.94 -13.86 -1.87
N PRO A 86 -8.22 -12.92 -2.51
CA PRO A 86 -8.87 -11.92 -3.33
C PRO A 86 -9.72 -12.55 -4.42
N ASP A 87 -10.70 -11.78 -4.91
CA ASP A 87 -11.73 -12.34 -5.77
C ASP A 87 -11.15 -12.86 -7.09
N ARG A 88 -10.12 -12.19 -7.61
CA ARG A 88 -9.55 -12.64 -8.87
C ARG A 88 -8.94 -14.04 -8.75
N PHE A 89 -8.42 -14.37 -7.56
CA PHE A 89 -7.89 -15.72 -7.36
C PHE A 89 -9.02 -16.75 -7.29
N LYS A 90 -10.12 -16.41 -6.62
CA LYS A 90 -11.26 -17.31 -6.55
C LYS A 90 -11.81 -17.62 -7.93
N ASP A 91 -12.00 -16.57 -8.75
CA ASP A 91 -12.50 -16.79 -10.10
C ASP A 91 -11.50 -17.57 -10.94
N PHE A 92 -10.21 -17.30 -10.77
CA PHE A 92 -9.21 -18.04 -11.54
C PHE A 92 -9.23 -19.52 -11.18
N LEU A 93 -9.27 -19.83 -9.89
CA LEU A 93 -9.25 -21.23 -9.46
C LEU A 93 -10.53 -21.95 -9.84
N LEU A 94 -11.67 -21.26 -9.74
CA LEU A 94 -12.96 -21.93 -9.95
C LEU A 94 -13.15 -22.34 -11.40
N TYR A 95 -12.72 -21.51 -12.35
CA TYR A 95 -12.99 -21.73 -13.76
C TYR A 95 -11.74 -22.05 -14.56
N LEU A 96 -10.69 -22.56 -13.88
CA LEU A 96 -9.41 -22.81 -14.52
C LEU A 96 -9.51 -23.84 -15.64
N ARG A 97 -10.45 -24.77 -15.55
CA ARG A 97 -10.53 -25.88 -16.48
C ARG A 97 -11.41 -25.60 -17.68
N CYS A 98 -11.74 -24.32 -17.92
CA CYS A 98 -12.54 -23.91 -19.07
C CYS A 98 -11.69 -23.01 -19.96
N ARG A 99 -11.50 -23.42 -21.21
CA ARG A 99 -10.85 -22.56 -22.19
C ARG A 99 -11.49 -22.64 -23.56
N ASN A 100 -12.62 -23.35 -23.70
CA ASN A 100 -13.30 -23.45 -25.00
C ASN A 100 -14.33 -22.32 -25.14
N TYR A 101 -13.83 -21.11 -25.33
CA TYR A 101 -14.66 -19.95 -25.59
C TYR A 101 -14.66 -19.63 -27.07
N SER A 102 -15.77 -19.10 -27.55
CA SER A 102 -15.94 -18.87 -28.97
C SER A 102 -15.70 -17.40 -29.34
N LEU A 103 -15.49 -17.18 -30.63
CA LEU A 103 -15.25 -15.86 -31.17
C LEU A 103 -16.58 -15.17 -31.46
N LEU A 104 -16.80 -14.00 -30.83
CA LEU A 104 -17.99 -13.22 -31.14
C LEU A 104 -17.76 -12.34 -32.36
N ILE A 105 -16.57 -11.77 -32.48
CA ILE A 105 -16.19 -10.95 -33.62
C ILE A 105 -14.92 -11.54 -34.21
N ASP A 106 -15.00 -11.93 -35.48
CA ASP A 106 -13.87 -12.54 -36.18
C ASP A 106 -13.61 -11.78 -37.46
N GLN A 107 -12.37 -11.86 -37.94
CA GLN A 107 -11.98 -11.32 -39.24
C GLN A 107 -11.36 -12.48 -40.01
N PRO A 108 -12.19 -13.34 -40.61
CA PRO A 108 -11.69 -14.63 -41.11
C PRO A 108 -10.80 -14.51 -42.33
N ASP A 109 -10.84 -13.40 -43.05
CA ASP A 109 -10.03 -13.22 -44.24
C ASP A 109 -8.84 -12.30 -44.00
N LYS A 110 -8.53 -12.05 -42.73
CA LYS A 110 -7.40 -11.21 -42.35
C LYS A 110 -6.08 -11.74 -42.92
N CYS A 111 -5.98 -13.06 -43.11
CA CYS A 111 -4.76 -13.67 -43.63
C CYS A 111 -4.99 -14.32 -44.99
N ALA A 112 -6.01 -13.86 -45.72
CA ALA A 112 -6.25 -14.34 -47.08
C ALA A 112 -5.00 -14.24 -47.94
N LYS A 113 -4.14 -13.27 -47.64
CA LYS A 113 -2.83 -13.13 -48.26
C LYS A 113 -1.77 -13.43 -47.21
N LYS A 114 -0.95 -14.45 -47.48
CA LYS A 114 0.04 -14.98 -46.55
C LYS A 114 0.89 -13.84 -45.97
N PRO A 115 0.76 -13.56 -44.68
CA PRO A 115 1.47 -12.42 -44.10
C PRO A 115 2.92 -12.76 -43.82
N PHE A 116 3.77 -11.74 -43.97
CA PHE A 116 5.13 -11.85 -43.48
C PHE A 116 5.18 -11.62 -41.97
N LEU A 117 4.39 -10.67 -41.49
CA LEU A 117 4.37 -10.29 -40.08
C LEU A 117 2.94 -10.01 -39.66
N LEU A 118 2.46 -10.73 -38.65
CA LEU A 118 1.15 -10.51 -38.06
C LEU A 118 1.32 -9.78 -36.74
N LEU A 119 0.70 -8.61 -36.63
CA LEU A 119 0.72 -7.82 -35.40
C LEU A 119 -0.54 -8.12 -34.61
N ALA A 120 -0.36 -8.68 -33.42
CA ALA A 120 -1.46 -9.04 -32.52
C ALA A 120 -1.33 -8.21 -31.26
N ILE A 121 -2.28 -7.29 -31.06
CA ILE A 121 -2.19 -6.30 -29.99
C ILE A 121 -3.31 -6.56 -28.99
N LYS A 122 -2.92 -6.90 -27.77
CA LYS A 122 -3.89 -7.05 -26.68
C LYS A 122 -4.51 -5.70 -26.35
N SER A 123 -5.83 -5.65 -26.29
CA SER A 123 -6.50 -4.40 -25.98
C SER A 123 -7.72 -4.69 -25.11
N LEU A 124 -8.36 -3.61 -24.67
CA LEU A 124 -9.57 -3.67 -23.88
C LEU A 124 -10.58 -2.74 -24.53
N THR A 125 -11.85 -3.15 -24.54
CA THR A 125 -12.95 -2.47 -25.20
C THR A 125 -12.87 -0.94 -25.13
N PRO A 126 -12.71 -0.32 -23.96
CA PRO A 126 -12.78 1.15 -23.91
C PRO A 126 -11.60 1.88 -24.54
N HIS A 127 -10.53 1.18 -24.94
CA HIS A 127 -9.30 1.82 -25.41
C HIS A 127 -9.37 2.17 -26.90
N PHE A 128 -10.38 2.96 -27.27
CA PHE A 128 -10.51 3.34 -28.67
C PHE A 128 -9.33 4.18 -29.14
N ALA A 129 -8.91 5.14 -28.31
CA ALA A 129 -7.82 6.03 -28.69
C ALA A 129 -6.52 5.25 -28.91
N ARG A 130 -6.23 4.29 -28.02
CA ARG A 130 -5.01 3.50 -28.17
C ARG A 130 -4.99 2.74 -29.48
N ARG A 131 -6.10 2.08 -29.82
CA ARG A 131 -6.16 1.30 -31.04
C ARG A 131 -6.04 2.19 -32.28
N GLN A 132 -6.69 3.34 -32.27
CA GLN A 132 -6.65 4.23 -33.44
C GLN A 132 -5.26 4.79 -33.65
N ALA A 133 -4.56 5.16 -32.58
CA ALA A 133 -3.19 5.65 -32.71
C ALA A 133 -2.27 4.57 -33.27
N ILE A 134 -2.50 3.31 -32.85
CA ILE A 134 -1.73 2.20 -33.41
C ILE A 134 -2.04 2.02 -34.89
N ARG A 135 -3.32 2.08 -35.24
CA ARG A 135 -3.72 2.00 -36.65
C ARG A 135 -2.99 3.03 -37.49
N GLU A 136 -2.89 4.26 -36.99
CA GLU A 136 -2.33 5.36 -37.75
C GLU A 136 -0.82 5.39 -37.74
N SER A 137 -0.18 4.67 -36.82
CA SER A 137 1.27 4.77 -36.69
C SER A 137 1.95 3.45 -36.99
N TRP A 138 2.53 2.81 -35.97
CA TRP A 138 3.37 1.65 -36.22
C TRP A 138 2.58 0.42 -36.60
N GLY A 139 1.26 0.42 -36.44
CA GLY A 139 0.49 -0.77 -36.71
C GLY A 139 -0.28 -0.74 -38.00
N GLN A 140 0.05 0.19 -38.90
CA GLN A 140 -0.66 0.23 -40.18
C GLN A 140 -0.30 -0.99 -41.00
N GLU A 141 -1.29 -1.49 -41.74
CA GLU A 141 -1.06 -2.61 -42.63
C GLU A 141 -0.37 -2.13 -43.88
N SER A 142 0.58 -2.93 -44.36
CA SER A 142 1.43 -2.50 -45.46
C SER A 142 1.91 -3.70 -46.24
N ASN A 143 2.42 -3.43 -47.44
CA ASN A 143 2.85 -4.48 -48.35
C ASN A 143 4.16 -4.12 -49.06
N ALA A 144 4.98 -3.28 -48.45
CA ALA A 144 6.25 -2.90 -49.06
C ALA A 144 7.10 -4.15 -49.31
N GLY A 145 7.73 -4.18 -50.48
CA GLY A 145 8.56 -5.31 -50.88
C GLY A 145 7.84 -6.64 -50.87
N ASN A 146 6.52 -6.61 -51.02
CA ASN A 146 5.64 -7.77 -50.98
C ASN A 146 5.66 -8.47 -49.62
N GLN A 147 6.19 -7.85 -48.59
CA GLN A 147 6.20 -8.42 -47.25
C GLN A 147 4.99 -7.88 -46.50
N THR A 148 3.94 -8.70 -46.41
CA THR A 148 2.62 -8.24 -45.97
C THR A 148 2.56 -8.17 -44.46
N VAL A 149 2.17 -7.00 -43.93
CA VAL A 149 1.96 -6.78 -42.51
C VAL A 149 0.46 -6.62 -42.28
N VAL A 150 -0.10 -7.44 -41.40
CA VAL A 150 -1.52 -7.36 -41.05
C VAL A 150 -1.66 -7.20 -39.55
N ARG A 151 -2.82 -6.70 -39.14
CA ARG A 151 -3.04 -6.23 -37.77
C ARG A 151 -4.36 -6.77 -37.22
N VAL A 152 -4.32 -7.30 -36.00
CA VAL A 152 -5.53 -7.62 -35.25
C VAL A 152 -5.38 -7.11 -33.82
N PHE A 153 -6.49 -6.68 -33.26
CA PHE A 153 -6.59 -6.37 -31.84
C PHE A 153 -7.34 -7.49 -31.14
N LEU A 154 -6.88 -7.86 -29.95
CA LEU A 154 -7.37 -9.04 -29.23
C LEU A 154 -8.16 -8.59 -28.01
N LEU A 155 -9.45 -8.92 -27.99
CA LEU A 155 -10.36 -8.46 -26.94
C LEU A 155 -11.17 -9.61 -26.39
N GLY A 156 -11.45 -9.55 -25.09
CA GLY A 156 -12.54 -10.28 -24.48
C GLY A 156 -13.71 -9.36 -24.18
N GLN A 157 -14.63 -9.86 -23.37
CA GLN A 157 -15.83 -9.12 -23.03
C GLN A 157 -15.60 -8.21 -21.83
N THR A 158 -16.24 -7.03 -21.86
CA THR A 158 -16.34 -6.14 -20.71
C THR A 158 -17.82 -6.03 -20.37
N PRO A 159 -18.35 -7.00 -19.64
CA PRO A 159 -19.81 -7.15 -19.53
C PRO A 159 -20.42 -6.18 -18.54
N PRO A 160 -21.72 -5.89 -18.67
CA PRO A 160 -22.35 -4.97 -17.71
C PRO A 160 -22.42 -5.51 -16.29
N GLU A 161 -22.47 -6.83 -16.14
CA GLU A 161 -22.49 -7.45 -14.81
C GLU A 161 -21.21 -7.20 -14.04
N ASP A 162 -20.12 -6.83 -14.73
CA ASP A 162 -18.89 -6.39 -14.08
C ASP A 162 -18.80 -4.87 -13.98
N ASN A 163 -19.93 -4.18 -14.16
CA ASN A 163 -20.06 -2.73 -14.03
C ASN A 163 -19.33 -1.96 -15.13
N HIS A 164 -19.01 -2.60 -16.25
CA HIS A 164 -18.47 -1.80 -17.34
C HIS A 164 -19.60 -1.03 -18.02
N PRO A 165 -19.35 0.22 -18.43
CA PRO A 165 -20.35 0.93 -19.23
C PRO A 165 -20.54 0.23 -20.57
N ASP A 166 -21.73 0.42 -21.13
CA ASP A 166 -22.09 -0.25 -22.37
C ASP A 166 -21.49 0.52 -23.54
N LEU A 167 -20.45 -0.04 -24.15
CA LEU A 167 -19.82 0.53 -25.34
C LEU A 167 -19.93 -0.41 -26.54
N SER A 168 -20.92 -1.31 -26.54
CA SER A 168 -20.98 -2.34 -27.58
C SER A 168 -21.28 -1.74 -28.94
N ASP A 169 -22.18 -0.76 -29.00
CA ASP A 169 -22.52 -0.17 -30.30
C ASP A 169 -21.32 0.54 -30.93
N MET A 170 -20.48 1.17 -30.10
CA MET A 170 -19.26 1.77 -30.63
C MET A 170 -18.24 0.72 -31.06
N LEU A 171 -18.18 -0.42 -30.36
CA LEU A 171 -17.26 -1.47 -30.74
C LEU A 171 -17.64 -2.08 -32.09
N LYS A 172 -18.93 -2.32 -32.31
CA LYS A 172 -19.41 -2.75 -33.62
C LYS A 172 -19.01 -1.75 -34.69
N PHE A 173 -19.30 -0.48 -34.44
CA PHE A 173 -18.95 0.61 -35.34
C PHE A 173 -17.46 0.59 -35.67
N GLU A 174 -16.61 0.49 -34.65
CA GLU A 174 -15.17 0.36 -34.87
C GLU A 174 -14.84 -0.90 -35.66
N SER A 175 -15.48 -2.02 -35.32
CA SER A 175 -15.17 -3.29 -35.98
C SER A 175 -15.56 -3.25 -37.46
N GLU A 176 -16.77 -2.77 -37.75
CA GLU A 176 -17.20 -2.60 -39.14
C GLU A 176 -16.18 -1.79 -39.93
N LYS A 177 -15.83 -0.62 -39.42
CA LYS A 177 -15.03 0.32 -40.19
C LYS A 177 -13.62 -0.21 -40.43
N HIS A 178 -12.99 -0.74 -39.39
CA HIS A 178 -11.56 -1.06 -39.47
C HIS A 178 -11.27 -2.55 -39.64
N GLN A 179 -12.22 -3.43 -39.33
CA GLN A 179 -12.09 -4.87 -39.60
C GLN A 179 -10.81 -5.46 -39.00
N ASP A 180 -10.39 -4.98 -37.82
CA ASP A 180 -9.20 -5.51 -37.18
C ASP A 180 -9.47 -5.94 -35.73
N ILE A 181 -10.72 -6.17 -35.36
CA ILE A 181 -11.08 -6.56 -34.00
C ILE A 181 -11.38 -8.05 -33.97
N LEU A 182 -10.66 -8.77 -33.11
CA LEU A 182 -11.01 -10.14 -32.73
C LEU A 182 -11.50 -10.11 -31.30
N MET A 183 -12.69 -10.65 -31.05
N MET A 183 -12.69 -10.65 -31.06
CA MET A 183 -13.25 -10.64 -29.71
CA MET A 183 -13.25 -10.63 -29.71
C MET A 183 -13.85 -11.99 -29.38
C MET A 183 -13.86 -11.98 -29.38
N TRP A 184 -13.47 -12.52 -28.22
CA TRP A 184 -13.98 -13.78 -27.68
C TRP A 184 -14.90 -13.49 -26.50
N ASN A 185 -15.76 -14.45 -26.18
CA ASN A 185 -16.75 -14.26 -25.12
C ASN A 185 -16.29 -14.88 -23.79
N TYR A 186 -15.20 -14.32 -23.27
CA TYR A 186 -14.78 -14.55 -21.90
C TYR A 186 -14.59 -13.18 -21.25
N ARG A 187 -14.66 -13.16 -19.92
CA ARG A 187 -14.41 -11.94 -19.16
C ARG A 187 -12.98 -11.46 -19.33
N ASP A 188 -12.80 -10.34 -20.01
CA ASP A 188 -11.47 -9.77 -20.25
C ASP A 188 -10.97 -9.16 -18.94
N THR A 189 -10.15 -9.92 -18.20
CA THR A 189 -9.57 -9.44 -16.96
C THR A 189 -8.07 -9.72 -16.94
N PHE A 190 -7.38 -9.08 -16.00
CA PHE A 190 -5.95 -9.28 -15.82
C PHE A 190 -5.61 -10.76 -15.70
N PHE A 191 -6.29 -11.47 -14.80
CA PHE A 191 -5.99 -12.89 -14.58
C PHE A 191 -6.50 -13.80 -15.69
N ASN A 192 -7.22 -13.29 -16.68
CA ASN A 192 -7.64 -14.09 -17.82
C ASN A 192 -6.80 -13.84 -19.07
N LEU A 193 -5.67 -13.16 -18.92
CA LEU A 193 -4.85 -12.85 -20.09
C LEU A 193 -4.20 -14.10 -20.68
N SER A 194 -4.02 -15.16 -19.86
CA SER A 194 -3.58 -16.44 -20.40
C SER A 194 -4.60 -16.97 -21.39
N LEU A 195 -5.89 -16.84 -21.07
CA LEU A 195 -6.96 -17.19 -22.01
C LEU A 195 -6.82 -16.40 -23.30
N LYS A 196 -6.56 -15.10 -23.18
CA LYS A 196 -6.35 -14.28 -24.38
C LYS A 196 -5.21 -14.84 -25.22
N GLU A 197 -4.16 -15.33 -24.57
CA GLU A 197 -3.03 -15.94 -25.27
C GLU A 197 -3.44 -17.24 -25.97
N VAL A 198 -4.06 -18.16 -25.22
CA VAL A 198 -4.43 -19.46 -25.78
C VAL A 198 -5.43 -19.29 -26.91
N LEU A 199 -6.44 -18.43 -26.71
CA LEU A 199 -7.45 -18.24 -27.73
C LEU A 199 -6.88 -17.57 -28.96
N PHE A 200 -5.92 -16.66 -28.80
CA PHE A 200 -5.26 -16.09 -29.96
C PHE A 200 -4.45 -17.13 -30.71
N LEU A 201 -3.68 -17.94 -29.98
CA LEU A 201 -2.89 -18.99 -30.62
C LEU A 201 -3.79 -20.00 -31.32
N ARG A 202 -4.96 -20.27 -30.76
CA ARG A 202 -5.93 -21.13 -31.45
C ARG A 202 -6.37 -20.48 -32.76
N TRP A 203 -6.55 -19.16 -32.76
CA TRP A 203 -6.98 -18.45 -33.96
C TRP A 203 -5.88 -18.48 -35.03
N VAL A 204 -4.62 -18.39 -34.62
CA VAL A 204 -3.52 -18.48 -35.58
C VAL A 204 -3.53 -19.84 -36.27
N SER A 205 -3.71 -20.91 -35.49
CA SER A 205 -3.65 -22.26 -36.06
C SER A 205 -4.84 -22.52 -36.97
N THR A 206 -5.97 -21.86 -36.76
CA THR A 206 -7.16 -22.08 -37.57
C THR A 206 -7.30 -21.07 -38.70
N SER A 207 -6.77 -19.86 -38.55
CA SER A 207 -7.07 -18.77 -39.46
C SER A 207 -5.87 -18.00 -39.95
N CYS A 208 -4.68 -18.18 -39.37
CA CYS A 208 -3.51 -17.53 -39.95
C CYS A 208 -2.28 -18.44 -39.85
N PRO A 209 -2.39 -19.72 -40.20
CA PRO A 209 -1.27 -20.64 -39.93
C PRO A 209 -0.05 -20.41 -40.82
N ASP A 210 -0.16 -19.58 -41.86
CA ASP A 210 0.95 -19.38 -42.78
C ASP A 210 1.77 -18.13 -42.49
N THR A 211 1.39 -17.32 -41.50
CA THR A 211 2.18 -16.13 -41.23
C THR A 211 3.60 -16.53 -40.85
N GLU A 212 4.56 -15.83 -41.45
CA GLU A 212 5.97 -16.13 -41.18
C GLU A 212 6.33 -15.80 -39.75
N PHE A 213 5.87 -14.65 -39.26
CA PHE A 213 6.25 -14.18 -37.95
C PHE A 213 5.01 -13.57 -37.29
N VAL A 214 5.07 -13.52 -35.98
CA VAL A 214 4.01 -12.94 -35.16
C VAL A 214 4.68 -11.98 -34.18
N PHE A 215 4.15 -10.77 -34.12
CA PHE A 215 4.45 -9.88 -32.99
C PHE A 215 3.20 -9.80 -32.12
N LYS A 216 3.36 -10.12 -30.85
CA LYS A 216 2.29 -9.97 -29.86
C LYS A 216 2.74 -8.95 -28.82
N GLY A 217 1.92 -7.93 -28.61
CA GLY A 217 2.25 -6.88 -27.66
C GLY A 217 1.03 -6.22 -27.07
N ASP A 218 1.28 -5.27 -26.19
CA ASP A 218 0.26 -4.47 -25.53
C ASP A 218 -0.08 -3.24 -26.36
N ASP A 219 -1.20 -2.60 -26.04
CA ASP A 219 -1.64 -1.44 -26.78
C ASP A 219 -1.11 -0.12 -26.22
N ASP A 220 -0.13 -0.17 -25.31
CA ASP A 220 0.52 1.04 -24.79
C ASP A 220 2.03 1.01 -24.99
N VAL A 221 2.51 0.27 -25.98
CA VAL A 221 3.92 0.26 -26.33
C VAL A 221 4.08 0.88 -27.71
N PHE A 222 5.21 1.56 -27.91
CA PHE A 222 5.61 1.96 -29.24
C PHE A 222 6.51 0.89 -29.82
N VAL A 223 6.27 0.55 -31.10
CA VAL A 223 6.99 -0.50 -31.78
C VAL A 223 7.57 0.07 -33.07
N ASN A 224 8.89 -0.07 -33.25
CA ASN A 224 9.53 0.36 -34.48
C ASN A 224 9.37 -0.76 -35.50
N THR A 225 8.30 -0.69 -36.30
CA THR A 225 7.97 -1.77 -37.20
C THR A 225 8.98 -1.90 -38.33
N HIS A 226 9.54 -0.77 -38.80
CA HIS A 226 10.59 -0.84 -39.80
C HIS A 226 11.80 -1.62 -39.29
N HIS A 227 12.20 -1.35 -38.05
CA HIS A 227 13.36 -2.04 -37.49
C HIS A 227 13.11 -3.53 -37.32
N ILE A 228 11.87 -3.92 -37.00
CA ILE A 228 11.55 -5.33 -36.88
C ILE A 228 11.61 -6.02 -38.24
N LEU A 229 11.06 -5.38 -39.28
CA LEU A 229 11.14 -5.93 -40.62
C LEU A 229 12.58 -6.12 -41.06
N ASN A 230 13.43 -5.13 -40.79
CA ASN A 230 14.85 -5.26 -41.14
C ASN A 230 15.50 -6.42 -40.38
N TYR A 231 15.12 -6.60 -39.12
CA TYR A 231 15.71 -7.67 -38.31
C TYR A 231 15.28 -9.04 -38.82
N LEU A 232 14.02 -9.18 -39.21
CA LEU A 232 13.55 -10.47 -39.71
C LEU A 232 14.21 -10.83 -41.03
N ASN A 233 14.47 -9.84 -41.88
CA ASN A 233 15.08 -10.10 -43.17
C ASN A 233 16.56 -10.43 -43.05
N SER A 234 17.19 -10.13 -41.92
CA SER A 234 18.59 -10.49 -41.68
C SER A 234 18.72 -11.83 -40.95
N LEU A 235 17.63 -12.56 -40.77
CA LEU A 235 17.67 -13.84 -40.08
C LEU A 235 17.81 -14.98 -41.08
N SER A 236 18.74 -15.89 -40.80
CA SER A 236 18.76 -17.15 -41.53
C SER A 236 17.50 -17.94 -41.22
N LYS A 237 17.20 -18.91 -42.09
CA LYS A 237 15.98 -19.68 -41.85
C LYS A 237 16.15 -20.67 -40.71
N THR A 238 17.37 -21.14 -40.46
CA THR A 238 17.66 -21.93 -39.27
C THR A 238 17.27 -21.17 -38.01
N LYS A 239 17.71 -19.92 -37.91
CA LYS A 239 17.40 -19.09 -36.74
C LYS A 239 15.93 -18.68 -36.73
N ALA A 240 15.36 -18.42 -37.91
CA ALA A 240 13.98 -17.96 -37.96
C ALA A 240 13.00 -19.03 -37.49
N LYS A 241 13.39 -20.30 -37.57
CA LYS A 241 12.44 -21.41 -37.38
C LYS A 241 11.83 -21.38 -35.98
N ASP A 242 12.68 -21.27 -34.96
CA ASP A 242 12.22 -21.24 -33.57
C ASP A 242 12.45 -19.88 -32.93
N LEU A 243 12.34 -18.81 -33.71
CA LEU A 243 12.56 -17.47 -33.18
C LEU A 243 11.59 -17.18 -32.05
N PHE A 244 12.12 -16.71 -30.92
CA PHE A 244 11.30 -16.12 -29.87
C PHE A 244 12.20 -15.19 -29.08
N ILE A 245 12.01 -13.89 -29.26
CA ILE A 245 12.85 -12.88 -28.66
C ILE A 245 11.99 -11.84 -27.96
N GLY A 246 12.52 -11.31 -26.87
CA GLY A 246 11.92 -10.17 -26.21
C GLY A 246 12.81 -9.69 -25.09
N ASP A 247 12.21 -9.07 -24.08
CA ASP A 247 12.91 -8.67 -22.86
C ASP A 247 12.78 -9.85 -21.88
N VAL A 248 13.72 -10.78 -21.98
CA VAL A 248 13.59 -12.08 -21.31
C VAL A 248 14.08 -11.97 -19.87
N ILE A 249 13.26 -12.44 -18.94
CA ILE A 249 13.52 -12.36 -17.50
C ILE A 249 13.92 -13.75 -17.00
N HIS A 250 15.04 -13.81 -16.30
CA HIS A 250 15.59 -15.07 -15.80
C HIS A 250 15.52 -15.12 -14.28
N ASN A 251 15.18 -16.30 -13.76
CA ASN A 251 15.19 -16.58 -12.32
C ASN A 251 14.28 -15.62 -11.55
N ALA A 252 13.15 -15.29 -12.13
CA ALA A 252 12.14 -14.55 -11.38
C ALA A 252 11.29 -15.51 -10.56
N GLY A 253 10.65 -14.96 -9.54
CA GLY A 253 9.74 -15.70 -8.72
C GLY A 253 8.45 -14.94 -8.51
N PRO A 254 7.41 -15.63 -8.04
CA PRO A 254 6.16 -14.93 -7.73
C PRO A 254 6.38 -13.89 -6.64
N HIS A 255 5.85 -12.68 -6.89
CA HIS A 255 5.81 -11.68 -5.84
C HIS A 255 4.90 -12.16 -4.72
N ARG A 256 5.42 -12.15 -3.49
CA ARG A 256 4.66 -12.60 -2.34
C ARG A 256 4.05 -11.45 -1.55
N ASP A 257 4.31 -10.20 -1.95
CA ASP A 257 3.73 -9.05 -1.27
C ASP A 257 2.27 -8.89 -1.70
N LYS A 258 1.35 -8.96 -0.74
CA LYS A 258 -0.08 -8.97 -1.00
C LYS A 258 -0.61 -7.66 -1.58
N LYS A 259 0.15 -6.57 -1.53
CA LYS A 259 -0.30 -5.32 -2.11
C LYS A 259 0.11 -5.18 -3.56
N LEU A 260 1.01 -6.01 -4.05
CA LEU A 260 1.57 -5.85 -5.39
C LEU A 260 0.64 -6.41 -6.46
N LYS A 261 0.71 -5.79 -7.64
CA LYS A 261 -0.12 -6.18 -8.77
C LYS A 261 0.06 -7.65 -9.12
N TYR A 262 1.30 -8.14 -9.09
CA TYR A 262 1.62 -9.50 -9.48
C TYR A 262 1.77 -10.44 -8.28
N TYR A 263 1.04 -10.16 -7.20
CA TYR A 263 1.07 -11.01 -6.03
C TYR A 263 0.51 -12.40 -6.36
N ILE A 264 1.23 -13.43 -5.91
CA ILE A 264 0.80 -14.82 -6.04
C ILE A 264 1.05 -15.53 -4.70
N PRO A 265 0.01 -15.96 -3.98
CA PRO A 265 0.23 -16.60 -2.69
C PRO A 265 1.02 -17.90 -2.81
N GLU A 266 1.63 -18.30 -1.70
CA GLU A 266 2.36 -19.56 -1.65
C GLU A 266 1.44 -20.75 -1.89
N VAL A 267 0.18 -20.64 -1.48
CA VAL A 267 -0.77 -21.74 -1.63
C VAL A 267 -1.23 -21.93 -3.07
N VAL A 268 -0.89 -21.00 -3.95
CA VAL A 268 -1.24 -21.11 -5.36
C VAL A 268 -0.05 -21.56 -6.21
N TYR A 269 1.15 -21.03 -5.93
CA TYR A 269 2.30 -21.37 -6.75
C TYR A 269 3.58 -21.28 -5.92
N SER A 270 4.50 -22.21 -6.18
CA SER A 270 5.78 -22.27 -5.50
C SER A 270 6.88 -22.49 -6.51
N GLY A 271 8.10 -22.13 -6.12
CA GLY A 271 9.24 -22.26 -7.01
C GLY A 271 9.46 -21.01 -7.84
N LEU A 272 10.40 -21.13 -8.76
CA LEU A 272 10.75 -20.02 -9.63
C LEU A 272 9.91 -20.04 -10.89
N TYR A 273 9.88 -18.89 -11.57
CA TYR A 273 9.32 -18.84 -12.91
C TYR A 273 10.38 -19.29 -13.92
N PRO A 274 9.95 -19.93 -14.99
CA PRO A 274 10.87 -20.22 -16.10
C PRO A 274 11.28 -18.93 -16.79
N PRO A 275 12.31 -18.97 -17.64
CA PRO A 275 12.64 -17.76 -18.42
C PRO A 275 11.46 -17.36 -19.29
N TYR A 276 11.21 -16.05 -19.39
CA TYR A 276 10.07 -15.59 -20.15
C TYR A 276 10.29 -14.16 -20.59
N ALA A 277 9.77 -13.85 -21.78
CA ALA A 277 9.80 -12.48 -22.29
C ALA A 277 8.67 -11.66 -21.67
N GLY A 278 8.99 -10.43 -21.28
CA GLY A 278 7.96 -9.55 -20.76
C GLY A 278 6.84 -9.37 -21.77
N GLY A 279 5.60 -9.38 -21.26
CA GLY A 279 4.42 -9.36 -22.11
C GLY A 279 4.18 -8.06 -22.85
N GLY A 280 4.96 -7.01 -22.56
CA GLY A 280 4.81 -5.77 -23.31
C GLY A 280 4.93 -5.97 -24.81
N GLY A 281 5.73 -6.95 -25.23
CA GLY A 281 5.84 -7.29 -26.61
C GLY A 281 6.95 -8.28 -26.86
N PHE A 282 6.68 -9.33 -27.64
CA PHE A 282 7.72 -10.25 -28.06
C PHE A 282 7.45 -10.71 -29.48
N LEU A 283 8.47 -11.27 -30.11
CA LEU A 283 8.46 -11.57 -31.53
C LEU A 283 8.88 -13.01 -31.75
N TYR A 284 8.09 -13.76 -32.52
CA TYR A 284 8.35 -15.17 -32.72
C TYR A 284 7.82 -15.60 -34.08
N SER A 285 8.24 -16.79 -34.51
CA SER A 285 7.88 -17.31 -35.83
C SER A 285 6.49 -17.91 -35.81
N GLY A 286 5.84 -17.89 -36.97
CA GLY A 286 4.55 -18.55 -37.10
C GLY A 286 4.65 -20.05 -36.94
N HIS A 287 5.78 -20.64 -37.33
CA HIS A 287 6.00 -22.06 -37.09
C HIS A 287 6.02 -22.37 -35.60
N LEU A 288 6.64 -21.49 -34.80
CA LEU A 288 6.64 -21.69 -33.36
C LEU A 288 5.26 -21.43 -32.77
N ALA A 289 4.48 -20.53 -33.38
CA ALA A 289 3.13 -20.27 -32.91
C ALA A 289 2.26 -21.52 -33.01
N LEU A 290 2.39 -22.27 -34.11
CA LEU A 290 1.65 -23.51 -34.23
C LEU A 290 2.06 -24.50 -33.15
N ARG A 291 3.37 -24.62 -32.89
CA ARG A 291 3.84 -25.55 -31.89
C ARG A 291 3.43 -25.12 -30.49
N LEU A 292 3.47 -23.82 -30.21
CA LEU A 292 3.01 -23.32 -28.92
C LEU A 292 1.54 -23.64 -28.71
N TYR A 293 0.70 -23.40 -29.72
CA TYR A 293 -0.72 -23.71 -29.57
C TYR A 293 -0.92 -25.16 -29.14
N HIS A 294 -0.25 -26.08 -29.85
N HIS A 294 -0.24 -26.09 -29.81
CA HIS A 294 -0.38 -27.50 -29.57
CA HIS A 294 -0.48 -27.49 -29.51
C HIS A 294 0.03 -27.82 -28.15
C HIS A 294 0.07 -27.88 -28.15
N ILE A 295 1.06 -27.15 -27.63
CA ILE A 295 1.56 -27.46 -26.30
C ILE A 295 0.68 -26.89 -25.19
N THR A 296 -0.19 -25.91 -25.49
CA THR A 296 -0.98 -25.27 -24.44
C THR A 296 -1.88 -26.26 -23.71
N ASP A 297 -2.40 -27.26 -24.41
CA ASP A 297 -3.26 -28.27 -23.77
C ASP A 297 -2.57 -28.91 -22.57
N GLN A 298 -1.25 -28.95 -22.57
CA GLN A 298 -0.48 -29.65 -21.56
C GLN A 298 -0.01 -28.74 -20.43
N VAL A 299 -0.40 -27.46 -20.45
CA VAL A 299 -0.01 -26.51 -19.41
C VAL A 299 -1.28 -25.84 -18.90
N HIS A 300 -1.56 -26.01 -17.61
CA HIS A 300 -2.67 -25.30 -16.99
C HIS A 300 -2.45 -23.80 -17.14
N LEU A 301 -3.55 -23.08 -17.33
CA LEU A 301 -3.48 -21.63 -17.38
C LEU A 301 -2.86 -21.10 -16.09
N TYR A 302 -2.17 -19.99 -16.21
CA TYR A 302 -1.52 -19.34 -15.09
C TYR A 302 -1.94 -17.87 -15.05
N PRO A 303 -2.10 -17.29 -13.85
CA PRO A 303 -2.65 -15.93 -13.78
C PRO A 303 -1.82 -14.86 -14.45
N ILE A 304 -0.53 -15.08 -14.68
CA ILE A 304 0.33 -14.09 -15.34
C ILE A 304 0.62 -14.60 -16.76
N ASP A 305 0.17 -13.85 -17.77
CA ASP A 305 0.16 -14.39 -19.12
C ASP A 305 1.57 -14.53 -19.71
N ASP A 306 2.49 -13.62 -19.40
CA ASP A 306 3.82 -13.79 -20.01
C ASP A 306 4.62 -14.91 -19.35
N VAL A 307 4.36 -15.20 -18.08
CA VAL A 307 4.93 -16.40 -17.47
C VAL A 307 4.37 -17.64 -18.13
N TYR A 308 3.07 -17.65 -18.42
CA TYR A 308 2.44 -18.82 -19.03
C TYR A 308 3.09 -19.16 -20.36
N THR A 309 3.31 -18.15 -21.21
CA THR A 309 4.00 -18.38 -22.46
C THR A 309 5.40 -18.93 -22.23
N GLY A 310 6.06 -18.46 -21.17
CA GLY A 310 7.36 -19.01 -20.81
C GLY A 310 7.27 -20.47 -20.40
N MET A 311 6.20 -20.83 -19.69
CA MET A 311 6.00 -22.23 -19.31
C MET A 311 5.78 -23.10 -20.54
N CYS A 312 5.09 -22.57 -21.55
CA CYS A 312 4.85 -23.34 -22.76
C CYS A 312 6.12 -23.51 -23.58
N LEU A 313 6.93 -22.45 -23.67
CA LEU A 313 8.22 -22.56 -24.36
C LEU A 313 9.12 -23.59 -23.70
N GLN A 314 9.22 -23.56 -22.37
CA GLN A 314 10.06 -24.51 -21.66
C GLN A 314 9.63 -25.94 -21.90
N LYS A 315 8.32 -26.19 -21.89
CA LYS A 315 7.81 -27.53 -22.19
C LYS A 315 8.14 -27.95 -23.61
N LEU A 316 8.31 -26.98 -24.52
CA LEU A 316 8.76 -27.28 -25.88
C LEU A 316 10.25 -27.52 -25.98
N GLY A 317 10.98 -27.39 -24.88
CA GLY A 317 12.42 -27.50 -24.92
C GLY A 317 13.13 -26.27 -25.43
N LEU A 318 12.50 -25.10 -25.35
CA LEU A 318 13.04 -23.87 -25.90
C LEU A 318 13.27 -22.86 -24.79
N VAL A 319 14.26 -22.00 -25.02
CA VAL A 319 14.56 -20.88 -24.13
C VAL A 319 14.34 -19.60 -24.91
N PRO A 320 13.48 -18.69 -24.45
CA PRO A 320 13.32 -17.42 -25.15
C PRO A 320 14.59 -16.61 -25.08
N GLU A 321 14.84 -15.85 -26.14
CA GLU A 321 16.12 -15.19 -26.37
C GLU A 321 16.01 -13.71 -26.07
N LYS A 322 16.82 -13.22 -25.14
CA LYS A 322 16.82 -11.80 -24.81
C LYS A 322 17.43 -10.98 -25.95
N HIS A 323 16.72 -9.96 -26.38
CA HIS A 323 17.19 -9.03 -27.41
C HIS A 323 17.23 -7.62 -26.84
N LYS A 324 18.32 -6.90 -27.10
CA LYS A 324 18.55 -5.61 -26.48
C LYS A 324 17.59 -4.54 -26.96
N GLY A 325 16.88 -4.77 -28.05
CA GLY A 325 15.99 -3.77 -28.60
C GLY A 325 14.67 -3.63 -27.91
N PHE A 326 14.36 -4.48 -26.94
CA PHE A 326 13.08 -4.47 -26.24
C PHE A 326 13.26 -3.74 -24.92
N ARG A 327 12.76 -2.50 -24.86
CA ARG A 327 12.85 -1.67 -23.66
C ARG A 327 11.50 -1.65 -22.97
N THR A 328 11.20 -2.73 -22.24
CA THR A 328 9.93 -2.82 -21.54
C THR A 328 9.89 -2.03 -20.24
N PHE A 329 10.98 -1.35 -19.88
CA PHE A 329 11.00 -0.43 -18.75
C PHE A 329 11.55 0.92 -19.19
N ASP A 330 11.49 1.18 -20.50
CA ASP A 330 11.77 2.46 -21.14
C ASP A 330 13.23 2.88 -21.07
N ILE A 331 13.51 4.05 -21.63
CA ILE A 331 14.85 4.52 -21.92
C ILE A 331 15.13 5.76 -21.07
N GLU A 332 16.41 6.14 -21.00
CA GLU A 332 16.81 7.30 -20.22
C GLU A 332 16.05 8.53 -20.69
N GLU A 333 15.64 9.37 -19.72
CA GLU A 333 14.71 10.44 -20.03
C GLU A 333 15.36 11.50 -20.89
N LYS A 334 16.65 11.73 -20.68
CA LYS A 334 17.41 12.59 -21.58
C LYS A 334 17.24 12.16 -23.02
N ASN A 335 17.21 10.84 -23.26
CA ASN A 335 17.13 10.31 -24.62
C ASN A 335 15.71 10.25 -25.17
N LYS A 336 14.69 10.23 -24.31
CA LYS A 336 13.31 10.20 -24.78
C LYS A 336 12.99 11.35 -25.73
N ASN A 337 13.80 12.41 -25.71
CA ASN A 337 13.54 13.55 -26.57
C ASN A 337 13.98 13.31 -28.00
N ASN A 338 15.17 12.73 -28.20
CA ASN A 338 15.81 12.68 -29.50
C ASN A 338 15.29 11.48 -30.29
N ILE A 339 14.76 11.74 -31.49
CA ILE A 339 14.18 10.69 -32.30
C ILE A 339 15.21 9.63 -32.65
N CYS A 340 16.49 10.01 -32.75
CA CYS A 340 17.52 9.03 -33.05
C CYS A 340 17.63 7.97 -31.97
N SER A 341 17.11 8.24 -30.77
CA SER A 341 17.10 7.22 -29.72
C SER A 341 16.20 6.04 -30.06
N TYR A 342 15.23 6.23 -30.96
CA TYR A 342 14.28 5.18 -31.29
C TYR A 342 14.67 4.37 -32.51
N VAL A 343 15.75 4.75 -33.20
CA VAL A 343 16.04 4.16 -34.50
C VAL A 343 16.43 2.69 -34.37
N ASP A 344 17.27 2.36 -33.39
CA ASP A 344 17.71 0.98 -33.18
C ASP A 344 16.90 0.27 -32.10
N LEU A 345 15.67 0.70 -31.87
CA LEU A 345 14.79 0.08 -30.89
C LEU A 345 13.81 -0.86 -31.60
N MET A 346 13.43 -1.92 -30.88
CA MET A 346 12.31 -2.75 -31.30
C MET A 346 10.99 -2.23 -30.73
N LEU A 347 10.95 -2.05 -29.41
CA LEU A 347 9.79 -1.44 -28.78
C LEU A 347 10.22 -0.70 -27.52
N VAL A 348 9.37 0.22 -27.09
N VAL A 348 9.37 0.22 -27.10
CA VAL A 348 9.58 0.91 -25.83
CA VAL A 348 9.53 0.97 -25.85
C VAL A 348 8.25 1.02 -25.10
C VAL A 348 8.21 0.97 -25.11
N HIS A 349 8.27 0.72 -23.80
CA HIS A 349 7.09 0.82 -22.96
C HIS A 349 7.38 1.89 -21.93
N SER A 350 6.46 2.82 -21.65
CA SER A 350 5.12 2.88 -22.24
C SER A 350 4.91 4.23 -22.93
N ARG A 351 4.02 4.27 -23.92
CA ARG A 351 3.75 5.50 -24.66
C ARG A 351 2.25 5.70 -24.82
N LYS A 352 1.82 6.95 -24.72
CA LYS A 352 0.42 7.34 -24.88
C LYS A 352 0.08 7.49 -26.35
N PRO A 353 -1.22 7.46 -26.70
CA PRO A 353 -1.59 7.58 -28.12
C PRO A 353 -0.94 8.74 -28.86
N GLN A 354 -0.96 9.94 -28.27
CA GLN A 354 -0.33 11.10 -28.89
C GLN A 354 1.16 10.85 -29.14
N GLU A 355 1.84 10.22 -28.18
CA GLU A 355 3.28 10.05 -28.30
C GLU A 355 3.64 9.05 -29.38
N MET A 356 2.85 7.98 -29.52
CA MET A 356 3.10 7.00 -30.56
C MET A 356 3.01 7.61 -31.95
N ILE A 357 2.01 8.47 -32.17
CA ILE A 357 1.87 9.14 -33.46
C ILE A 357 3.01 10.13 -33.67
N ASP A 358 3.36 10.90 -32.64
CA ASP A 358 4.43 11.87 -32.77
C ASP A 358 5.78 11.20 -33.03
N ILE A 359 6.06 10.10 -32.31
CA ILE A 359 7.31 9.38 -32.54
C ILE A 359 7.33 8.78 -33.93
N TRP A 360 6.20 8.20 -34.36
CA TRP A 360 6.12 7.60 -35.68
C TRP A 360 6.38 8.62 -36.78
N SER A 361 5.76 9.81 -36.66
CA SER A 361 5.94 10.84 -37.67
C SER A 361 7.39 11.30 -37.75
N GLN A 362 8.00 11.57 -36.60
CA GLN A 362 9.41 11.95 -36.59
C GLN A 362 10.29 10.83 -37.13
N LEU A 363 9.90 9.57 -36.89
CA LEU A 363 10.73 8.45 -37.32
C LEU A 363 10.79 8.33 -38.84
N GLN A 364 9.75 8.78 -39.55
CA GLN A 364 9.73 8.63 -41.00
C GLN A 364 10.85 9.43 -41.67
N SER A 365 11.32 10.49 -41.02
CA SER A 365 12.43 11.29 -41.52
C SER A 365 13.70 11.08 -40.72
N ALA A 366 13.80 9.97 -39.98
CA ALA A 366 14.95 9.74 -39.14
C ALA A 366 16.21 9.46 -39.96
N HIS A 367 16.05 8.89 -41.15
CA HIS A 367 17.23 8.57 -41.97
C HIS A 367 17.95 9.82 -42.45
N LEU A 368 17.28 10.97 -42.49
CA LEU A 368 17.89 12.20 -42.97
C LEU A 368 18.55 13.03 -41.86
N LYS A 369 18.45 12.62 -40.59
CA LYS A 369 19.06 13.43 -39.55
C LYS A 369 19.68 12.59 -38.43
N CYS A 370 19.89 11.29 -38.63
CA CYS A 370 20.49 10.46 -37.58
C CYS A 370 21.63 9.60 -38.10
N PRO B 28 4.38 -7.60 45.45
CA PRO B 28 4.87 -6.46 46.24
C PRO B 28 3.73 -5.96 47.11
N GLU B 29 3.86 -4.85 47.83
CA GLU B 29 2.66 -4.40 48.53
C GLU B 29 2.03 -3.17 47.88
N ALA B 30 2.77 -2.39 47.10
CA ALA B 30 2.12 -1.34 46.33
C ALA B 30 1.07 -1.93 45.41
N TYR B 31 -0.11 -1.30 45.40
CA TYR B 31 -1.26 -1.90 44.72
C TYR B 31 -1.01 -2.04 43.22
N TRP B 32 -0.45 -0.99 42.59
CA TRP B 32 -0.30 -1.03 41.14
C TRP B 32 0.69 -2.10 40.71
N ASN B 33 1.84 -2.19 41.39
CA ASN B 33 2.81 -3.22 41.05
C ASN B 33 2.24 -4.61 41.32
N ARG B 34 1.51 -4.78 42.42
CA ARG B 34 0.84 -6.04 42.68
C ARG B 34 -0.03 -6.45 41.51
N GLU B 35 -0.92 -5.55 41.08
CA GLU B 35 -1.84 -5.89 40.00
C GLU B 35 -1.11 -6.01 38.66
N GLN B 36 -0.05 -5.22 38.45
CA GLN B 36 0.69 -5.33 37.20
C GLN B 36 1.36 -6.69 37.06
N GLU B 37 1.86 -7.24 38.18
CA GLU B 37 2.53 -8.54 38.09
C GLU B 37 1.53 -9.68 37.97
N LYS B 38 0.32 -9.53 38.53
CA LYS B 38 -0.77 -10.42 38.18
C LYS B 38 -1.03 -10.37 36.69
N LEU B 39 -1.07 -9.16 36.13
CA LEU B 39 -1.19 -8.99 34.68
C LEU B 39 -0.06 -9.71 33.95
N ASN B 40 1.18 -9.53 34.43
CA ASN B 40 2.34 -10.15 33.80
C ASN B 40 2.15 -11.67 33.70
N ARG B 41 1.76 -12.31 34.81
CA ARG B 41 1.60 -13.75 34.83
C ARG B 41 0.53 -14.21 33.84
N GLN B 42 -0.49 -13.38 33.60
CA GLN B 42 -1.55 -13.76 32.67
C GLN B 42 -1.08 -13.76 31.23
N TYR B 43 -0.15 -12.88 30.87
CA TYR B 43 0.35 -12.80 29.51
C TYR B 43 1.64 -13.60 29.28
N ASN B 44 2.28 -14.07 30.35
CA ASN B 44 3.57 -14.76 30.22
C ASN B 44 3.47 -16.16 30.83
N PRO B 45 3.27 -17.18 30.00
CA PRO B 45 3.20 -18.57 30.51
C PRO B 45 4.34 -18.95 31.44
N ILE B 46 5.51 -18.32 31.29
CA ILE B 46 6.72 -18.72 32.00
C ILE B 46 6.61 -18.57 33.51
N LEU B 47 5.63 -17.81 34.00
CA LEU B 47 5.52 -17.55 35.43
C LEU B 47 4.38 -18.34 36.08
N SER B 48 3.87 -19.36 35.40
CA SER B 48 2.86 -20.24 35.96
C SER B 48 3.43 -21.11 37.07
N ASN B 62 -11.66 -13.40 38.55
CA ASN B 62 -11.14 -13.49 37.18
C ASN B 62 -11.88 -12.53 36.25
N ILE B 63 -12.22 -11.35 36.78
CA ILE B 63 -12.88 -10.33 35.96
C ILE B 63 -11.87 -9.72 34.98
N SER B 64 -12.40 -9.11 33.93
CA SER B 64 -11.55 -8.49 32.92
C SER B 64 -10.81 -7.28 33.50
N HIS B 65 -9.69 -6.95 32.86
CA HIS B 65 -8.95 -5.74 33.20
C HIS B 65 -9.08 -4.67 32.13
N LEU B 66 -9.92 -4.89 31.12
CA LEU B 66 -10.06 -4.00 29.98
C LEU B 66 -11.47 -3.44 29.80
N ASN B 67 -12.51 -4.21 30.12
CA ASN B 67 -13.89 -3.75 29.89
C ASN B 67 -14.79 -3.99 31.09
N TYR B 68 -14.23 -4.10 32.29
CA TYR B 68 -15.01 -4.19 33.52
C TYR B 68 -15.20 -2.78 34.06
N CYS B 69 -16.41 -2.25 33.92
CA CYS B 69 -16.63 -0.83 34.19
C CYS B 69 -17.49 -0.58 35.43
N GLU B 70 -17.88 -1.62 36.16
CA GLU B 70 -18.39 -1.41 37.50
C GLU B 70 -17.23 -1.12 38.46
N PRO B 71 -17.47 -0.41 39.55
CA PRO B 71 -16.39 -0.14 40.50
C PRO B 71 -15.77 -1.42 41.03
N ASP B 72 -14.43 -1.44 41.05
CA ASP B 72 -13.68 -2.56 41.61
C ASP B 72 -13.76 -2.46 43.13
N LEU B 73 -14.87 -2.99 43.67
CA LEU B 73 -15.17 -2.81 45.09
C LEU B 73 -14.10 -3.42 45.99
N ARG B 74 -13.34 -4.41 45.50
CA ARG B 74 -12.32 -5.03 46.34
C ARG B 74 -11.25 -4.03 46.75
N VAL B 75 -11.00 -3.00 45.93
CA VAL B 75 -9.93 -2.04 46.20
C VAL B 75 -10.01 -1.51 47.62
N THR B 76 -11.23 -1.29 48.12
CA THR B 76 -11.43 -0.69 49.44
C THR B 76 -10.89 -1.55 50.57
N SER B 77 -10.54 -2.81 50.33
CA SER B 77 -10.06 -3.70 51.38
C SER B 77 -8.57 -4.03 51.30
N VAL B 78 -7.95 -3.89 50.12
CA VAL B 78 -6.56 -4.29 49.95
C VAL B 78 -5.60 -3.11 49.91
N VAL B 79 -6.10 -1.89 49.88
CA VAL B 79 -5.27 -0.69 49.89
C VAL B 79 -5.36 -0.07 51.28
N THR B 80 -4.24 -0.03 51.99
CA THR B 80 -4.23 0.56 53.32
C THR B 80 -4.64 2.03 53.26
N GLY B 81 -5.61 2.40 54.09
CA GLY B 81 -6.06 3.78 54.14
C GLY B 81 -6.67 4.28 52.85
N PHE B 82 -7.37 3.39 52.11
CA PHE B 82 -8.03 3.81 50.88
C PHE B 82 -8.97 4.97 51.13
N ASN B 83 -9.75 4.90 52.21
CA ASN B 83 -10.77 5.92 52.46
C ASN B 83 -10.18 7.29 52.74
N ASN B 84 -8.90 7.37 53.09
CA ASN B 84 -8.23 8.64 53.32
C ASN B 84 -7.54 9.17 52.07
N LEU B 85 -7.52 8.41 50.97
CA LEU B 85 -6.86 8.87 49.78
C LEU B 85 -7.64 10.02 49.14
N PRO B 86 -6.95 10.94 48.46
CA PRO B 86 -7.66 11.98 47.70
C PRO B 86 -8.57 11.36 46.66
N ASP B 87 -9.63 12.11 46.32
CA ASP B 87 -10.69 11.59 45.45
C ASP B 87 -10.16 11.07 44.13
N ARG B 88 -9.11 11.68 43.58
CA ARG B 88 -8.62 11.25 42.27
C ARG B 88 -8.08 9.82 42.34
N PHE B 89 -7.44 9.46 43.45
CA PHE B 89 -6.97 8.09 43.60
C PHE B 89 -8.11 7.10 43.74
N LYS B 90 -9.15 7.48 44.49
CA LYS B 90 -10.30 6.59 44.67
C LYS B 90 -10.91 6.23 43.33
N ASP B 91 -11.15 7.22 42.47
CA ASP B 91 -11.77 6.96 41.18
C ASP B 91 -10.80 6.28 40.21
N PHE B 92 -9.50 6.51 40.35
CA PHE B 92 -8.55 5.79 39.51
C PHE B 92 -8.54 4.31 39.86
N LEU B 93 -8.47 3.99 41.15
CA LEU B 93 -8.44 2.59 41.56
C LEU B 93 -9.78 1.90 41.25
N LEU B 94 -10.90 2.60 41.46
CA LEU B 94 -12.19 1.95 41.32
C LEU B 94 -12.50 1.57 39.88
N TYR B 95 -12.11 2.40 38.92
CA TYR B 95 -12.45 2.19 37.52
C TYR B 95 -11.24 1.85 36.66
N LEU B 96 -10.17 1.36 37.30
CA LEU B 96 -8.91 1.09 36.61
C LEU B 96 -9.07 0.08 35.47
N ARG B 97 -10.02 -0.84 35.58
CA ARG B 97 -10.14 -1.93 34.62
C ARG B 97 -11.12 -1.62 33.49
N CYS B 98 -11.47 -0.35 33.30
CA CYS B 98 -12.39 0.05 32.23
C CYS B 98 -11.64 0.99 31.29
N ARG B 99 -11.51 0.57 30.03
CA ARG B 99 -10.93 1.44 29.01
C ARG B 99 -11.68 1.35 27.68
N ASN B 100 -12.84 0.69 27.64
CA ASN B 100 -13.61 0.58 26.39
C ASN B 100 -14.59 1.75 26.25
N TYR B 101 -14.04 2.95 26.16
CA TYR B 101 -14.83 4.15 25.94
C TYR B 101 -14.93 4.45 24.45
N SER B 102 -16.01 5.13 24.07
CA SER B 102 -16.34 5.31 22.67
C SER B 102 -16.11 6.75 22.23
N LEU B 103 -16.06 6.91 20.90
CA LEU B 103 -15.74 8.18 20.25
C LEU B 103 -17.03 8.94 20.02
N LEU B 104 -17.19 10.09 20.68
CA LEU B 104 -18.39 10.91 20.51
C LEU B 104 -18.26 11.86 19.33
N ILE B 105 -17.06 12.38 19.08
CA ILE B 105 -16.78 13.20 17.91
C ILE B 105 -15.59 12.59 17.19
N ASP B 106 -15.77 12.30 15.91
CA ASP B 106 -14.77 11.61 15.11
C ASP B 106 -14.49 12.42 13.85
N GLN B 107 -13.28 12.23 13.31
CA GLN B 107 -12.90 12.75 11.99
C GLN B 107 -12.38 11.56 11.22
N PRO B 108 -13.28 10.73 10.67
CA PRO B 108 -12.87 9.42 10.16
C PRO B 108 -12.06 9.46 8.89
N ASP B 109 -12.14 10.54 8.12
CA ASP B 109 -11.35 10.68 6.90
C ASP B 109 -10.20 11.66 7.08
N LYS B 110 -9.79 11.89 8.34
CA LYS B 110 -8.66 12.77 8.62
C LYS B 110 -7.41 12.36 7.87
N CYS B 111 -7.18 11.05 7.72
CA CYS B 111 -5.98 10.53 7.07
C CYS B 111 -6.29 9.90 5.72
N ALA B 112 -7.32 10.42 5.03
CA ALA B 112 -7.66 9.93 3.70
C ALA B 112 -6.47 10.03 2.75
N LYS B 113 -5.81 11.19 2.74
CA LYS B 113 -4.48 11.28 2.16
C LYS B 113 -3.47 10.84 3.20
N LYS B 114 -2.61 9.91 2.82
CA LYS B 114 -1.64 9.32 3.75
C LYS B 114 -0.75 10.41 4.35
N PRO B 115 -0.76 10.59 5.66
CA PRO B 115 0.05 11.66 6.25
C PRO B 115 1.51 11.27 6.41
N PHE B 116 2.37 12.27 6.27
CA PHE B 116 3.75 12.13 6.70
C PHE B 116 3.87 12.34 8.20
N LEU B 117 3.15 13.32 8.74
CA LEU B 117 3.22 13.67 10.15
C LEU B 117 1.82 13.94 10.66
N LEU B 118 1.41 13.21 11.70
CA LEU B 118 0.15 13.45 12.39
C LEU B 118 0.43 14.22 13.67
N LEU B 119 -0.14 15.42 13.77
CA LEU B 119 -0.04 16.23 14.97
C LEU B 119 -1.22 15.90 15.88
N ALA B 120 -0.93 15.44 17.10
CA ALA B 120 -1.95 15.00 18.05
C ALA B 120 -1.76 15.77 19.36
N ILE B 121 -2.64 16.74 19.61
CA ILE B 121 -2.48 17.70 20.69
C ILE B 121 -3.52 17.40 21.76
N LYS B 122 -3.05 17.12 22.98
CA LYS B 122 -3.95 16.93 24.11
C LYS B 122 -4.54 18.26 24.53
N SER B 123 -5.86 18.32 24.66
CA SER B 123 -6.52 19.56 25.01
C SER B 123 -7.72 19.29 25.91
N LEU B 124 -8.19 20.35 26.55
CA LEU B 124 -9.40 20.33 27.37
C LEU B 124 -10.41 21.29 26.76
N THR B 125 -11.68 20.88 26.80
CA THR B 125 -12.83 21.59 26.22
C THR B 125 -12.71 23.12 26.28
N PRO B 126 -12.46 23.73 27.45
CA PRO B 126 -12.48 25.20 27.51
C PRO B 126 -11.29 25.90 26.86
N HIS B 127 -10.30 25.17 26.33
CA HIS B 127 -9.09 25.79 25.80
C HIS B 127 -9.27 26.19 24.32
N PHE B 128 -10.28 27.01 24.06
CA PHE B 128 -10.53 27.41 22.67
C PHE B 128 -9.39 28.24 22.11
N ALA B 129 -8.88 29.19 22.90
CA ALA B 129 -7.81 30.06 22.43
C ALA B 129 -6.53 29.27 22.16
N ARG B 130 -6.22 28.29 23.01
CA ARG B 130 -5.02 27.49 22.83
C ARG B 130 -5.07 26.71 21.52
N ARG B 131 -6.21 26.08 21.23
CA ARG B 131 -6.33 25.30 20.01
C ARG B 131 -6.31 26.19 18.78
N GLN B 132 -6.94 27.36 18.86
CA GLN B 132 -6.95 28.26 17.71
C GLN B 132 -5.56 28.82 17.42
N ALA B 133 -4.80 29.13 18.48
CA ALA B 133 -3.43 29.59 18.28
C ALA B 133 -2.58 28.51 17.64
N ILE B 134 -2.80 27.25 18.01
CA ILE B 134 -2.07 26.15 17.38
C ILE B 134 -2.47 26.02 15.92
N ARG B 135 -3.76 26.11 15.62
CA ARG B 135 -4.22 26.07 14.24
C ARG B 135 -3.54 27.13 13.39
N GLU B 136 -3.39 28.35 13.92
CA GLU B 136 -2.88 29.46 13.16
C GLU B 136 -1.36 29.48 13.05
N SER B 137 -0.67 28.80 13.96
CA SER B 137 0.79 28.85 13.97
C SER B 137 1.40 27.52 13.56
N TRP B 138 2.00 26.81 14.52
CA TRP B 138 2.78 25.62 14.20
C TRP B 138 1.93 24.40 13.87
N GLY B 139 0.63 24.44 14.15
CA GLY B 139 -0.19 23.26 13.97
C GLY B 139 -1.02 23.27 12.71
N GLN B 140 -0.70 24.15 11.76
CA GLN B 140 -1.53 24.20 10.57
C GLN B 140 -1.27 22.99 9.68
N GLU B 141 -2.33 22.56 9.00
CA GLU B 141 -2.22 21.43 8.09
C GLU B 141 -1.58 21.89 6.79
N SER B 142 -0.74 21.03 6.22
CA SER B 142 0.02 21.39 5.05
C SER B 142 0.22 20.15 4.18
N ASN B 143 0.37 20.39 2.87
CA ASN B 143 0.59 19.33 1.90
C ASN B 143 1.87 19.57 1.12
N ALA B 144 2.77 20.40 1.66
CA ALA B 144 3.96 20.80 0.92
C ALA B 144 4.86 19.61 0.64
N GLY B 145 5.44 19.60 -0.56
CA GLY B 145 6.34 18.53 -0.96
C GLY B 145 5.72 17.16 -0.99
N ASN B 146 4.39 17.09 -1.08
CA ASN B 146 3.61 15.85 -0.94
C ASN B 146 3.84 15.18 0.41
N GLN B 147 4.29 15.95 1.41
CA GLN B 147 4.40 15.48 2.79
C GLN B 147 3.25 16.10 3.58
N THR B 148 2.23 15.29 3.82
CA THR B 148 0.99 15.80 4.40
C THR B 148 1.11 15.87 5.92
N VAL B 149 0.76 17.02 6.48
CA VAL B 149 0.64 17.20 7.93
C VAL B 149 -0.84 17.36 8.25
N VAL B 150 -1.33 16.49 9.14
CA VAL B 150 -2.70 16.59 9.60
C VAL B 150 -2.69 16.80 11.11
N ARG B 151 -3.79 17.34 11.62
CA ARG B 151 -3.87 17.81 13.00
C ARG B 151 -5.15 17.29 13.64
N VAL B 152 -5.03 16.77 14.86
CA VAL B 152 -6.18 16.41 15.68
C VAL B 152 -5.92 16.87 17.11
N PHE B 153 -6.97 17.33 17.78
CA PHE B 153 -6.95 17.61 19.20
C PHE B 153 -7.68 16.50 19.93
N LEU B 154 -7.13 16.07 21.07
CA LEU B 154 -7.61 14.90 21.80
C LEU B 154 -8.32 15.35 23.06
N LEU B 155 -9.61 15.02 23.17
CA LEU B 155 -10.44 15.50 24.25
C LEU B 155 -11.25 14.37 24.87
N GLY B 156 -11.45 14.46 26.18
CA GLY B 156 -12.51 13.72 26.86
C GLY B 156 -13.65 14.65 27.25
N GLN B 157 -14.53 14.13 28.09
CA GLN B 157 -15.69 14.90 28.51
C GLN B 157 -15.35 15.80 29.69
N THR B 158 -15.98 16.98 29.72
CA THR B 158 -15.98 17.88 30.88
C THR B 158 -17.43 18.01 31.33
N PRO B 159 -17.94 17.03 32.08
CA PRO B 159 -19.39 16.91 32.25
C PRO B 159 -19.93 17.84 33.32
N PRO B 160 -21.21 18.22 33.21
CA PRO B 160 -21.81 19.12 34.21
C PRO B 160 -21.82 18.55 35.62
N GLU B 161 -21.88 17.22 35.78
CA GLU B 161 -21.85 16.65 37.12
C GLU B 161 -20.52 16.88 37.82
N ASP B 162 -19.45 17.16 37.07
CA ASP B 162 -18.18 17.57 37.64
C ASP B 162 -18.07 19.10 37.77
N ASN B 163 -19.20 19.81 37.73
CA ASN B 163 -19.28 21.26 37.91
C ASN B 163 -18.61 22.03 36.78
N HIS B 164 -18.44 21.41 35.61
CA HIS B 164 -17.92 22.15 34.46
C HIS B 164 -19.03 23.00 33.84
N PRO B 165 -18.73 24.24 33.48
CA PRO B 165 -19.68 25.03 32.68
C PRO B 165 -20.00 24.31 31.39
N ASP B 166 -21.22 24.53 30.88
CA ASP B 166 -21.64 23.88 29.65
C ASP B 166 -21.10 24.66 28.45
N LEU B 167 -20.14 24.07 27.74
CA LEU B 167 -19.58 24.65 26.52
C LEU B 167 -19.83 23.74 25.32
N SER B 168 -20.86 22.90 25.38
CA SER B 168 -21.04 21.87 24.37
C SER B 168 -21.41 22.47 23.01
N ASP B 169 -22.21 23.54 23.01
CA ASP B 169 -22.61 24.14 21.74
C ASP B 169 -21.43 24.81 21.05
N MET B 170 -20.55 25.45 21.83
CA MET B 170 -19.35 26.03 21.23
C MET B 170 -18.41 24.95 20.73
N LEU B 171 -18.37 23.80 21.40
CA LEU B 171 -17.51 22.71 20.95
C LEU B 171 -18.01 22.11 19.64
N LYS B 172 -19.33 21.91 19.53
CA LYS B 172 -19.89 21.44 18.27
C LYS B 172 -19.60 22.44 17.15
N PHE B 173 -19.77 23.73 17.44
CA PHE B 173 -19.45 24.79 16.49
C PHE B 173 -18.00 24.70 16.05
N GLU B 174 -17.07 24.61 17.00
CA GLU B 174 -15.65 24.50 16.67
C GLU B 174 -15.36 23.23 15.89
N SER B 175 -16.02 22.13 16.23
CA SER B 175 -15.77 20.87 15.53
C SER B 175 -16.23 20.93 14.08
N GLU B 176 -17.44 21.46 13.85
CA GLU B 176 -17.97 21.50 12.49
C GLU B 176 -17.13 22.38 11.58
N LYS B 177 -16.57 23.47 12.10
CA LYS B 177 -15.86 24.38 11.22
C LYS B 177 -14.40 23.97 11.02
N HIS B 178 -13.74 23.44 12.06
CA HIS B 178 -12.33 23.10 11.93
C HIS B 178 -12.06 21.62 11.71
N GLN B 179 -12.99 20.74 12.09
N GLN B 179 -12.98 20.73 12.11
CA GLN B 179 -12.91 19.31 11.77
CA GLN B 179 -12.90 19.31 11.77
C GLN B 179 -11.61 18.67 12.27
C GLN B 179 -11.61 18.68 12.27
N ASP B 180 -11.14 19.11 13.44
CA ASP B 180 -9.90 18.58 14.00
C ASP B 180 -10.06 18.15 15.45
N ILE B 181 -11.29 17.87 15.89
CA ILE B 181 -11.59 17.51 17.26
C ILE B 181 -11.92 16.01 17.30
N LEU B 182 -11.20 15.27 18.15
CA LEU B 182 -11.58 13.92 18.53
C LEU B 182 -11.94 13.94 20.01
N MET B 183 -13.14 13.46 20.34
CA MET B 183 -13.58 13.44 21.73
C MET B 183 -14.19 12.09 22.08
N TRP B 184 -13.78 11.55 23.22
CA TRP B 184 -14.24 10.28 23.73
C TRP B 184 -15.14 10.47 24.96
N ASN B 185 -15.86 9.40 25.28
CA ASN B 185 -16.91 9.40 26.30
C ASN B 185 -16.38 8.99 27.68
N TYR B 186 -15.36 9.71 28.15
CA TYR B 186 -14.81 9.50 29.48
C TYR B 186 -14.51 10.85 30.14
N ARG B 187 -14.37 10.83 31.46
CA ARG B 187 -14.11 12.03 32.24
C ARG B 187 -12.67 12.50 31.98
N ASP B 188 -12.53 13.63 31.31
CA ASP B 188 -11.21 14.18 30.96
C ASP B 188 -10.59 14.77 32.23
N THR B 189 -9.72 14.01 32.88
CA THR B 189 -9.06 14.47 34.10
C THR B 189 -7.58 14.12 34.05
N PHE B 190 -6.84 14.74 34.98
CA PHE B 190 -5.40 14.56 35.06
C PHE B 190 -5.02 13.09 35.20
N PHE B 191 -5.67 12.38 36.11
CA PHE B 191 -5.39 10.97 36.33
C PHE B 191 -5.99 10.06 35.26
N ASN B 192 -6.77 10.59 34.34
CA ASN B 192 -7.28 9.82 33.21
C ASN B 192 -6.50 10.08 31.92
N LEU B 193 -5.32 10.70 32.02
CA LEU B 193 -4.57 11.03 30.81
C LEU B 193 -4.01 9.78 30.14
N SER B 194 -3.68 8.73 30.91
CA SER B 194 -3.24 7.49 30.26
C SER B 194 -4.38 6.87 29.47
N LEU B 195 -5.63 7.09 29.88
CA LEU B 195 -6.77 6.75 29.05
C LEU B 195 -6.75 7.51 27.73
N LYS B 196 -6.50 8.83 27.81
CA LYS B 196 -6.39 9.63 26.59
C LYS B 196 -5.30 9.07 25.67
N GLU B 197 -4.23 8.52 26.24
CA GLU B 197 -3.17 7.95 25.44
C GLU B 197 -3.61 6.67 24.75
N VAL B 198 -4.23 5.74 25.51
CA VAL B 198 -4.62 4.46 24.92
C VAL B 198 -5.71 4.67 23.87
N LEU B 199 -6.69 5.53 24.15
CA LEU B 199 -7.78 5.75 23.21
C LEU B 199 -7.28 6.38 21.90
N PHE B 200 -6.28 7.27 22.01
CA PHE B 200 -5.72 7.86 20.80
C PHE B 200 -4.99 6.83 19.95
N LEU B 201 -4.14 6.01 20.60
CA LEU B 201 -3.44 4.95 19.88
C LEU B 201 -4.42 3.99 19.23
N ARG B 202 -5.55 3.73 19.89
CA ARG B 202 -6.60 2.94 19.28
C ARG B 202 -7.12 3.59 18.01
N TRP B 203 -7.34 4.90 18.05
CA TRP B 203 -7.80 5.63 16.86
C TRP B 203 -6.75 5.62 15.75
N VAL B 204 -5.46 5.65 16.11
CA VAL B 204 -4.42 5.57 15.10
C VAL B 204 -4.49 4.24 14.37
N SER B 205 -4.61 3.14 15.10
CA SER B 205 -4.65 1.82 14.48
C SER B 205 -5.90 1.63 13.63
N THR B 206 -7.03 2.21 14.04
CA THR B 206 -8.26 2.04 13.28
C THR B 206 -8.38 3.04 12.13
N SER B 207 -7.95 4.29 12.36
CA SER B 207 -8.30 5.39 11.46
C SER B 207 -7.10 6.10 10.86
N CYS B 208 -5.89 5.83 11.30
CA CYS B 208 -4.72 6.46 10.69
C CYS B 208 -3.50 5.57 10.77
N PRO B 209 -3.61 4.27 10.41
CA PRO B 209 -2.45 3.38 10.59
C PRO B 209 -1.32 3.64 9.61
N ASP B 210 -1.56 4.42 8.55
CA ASP B 210 -0.56 4.65 7.51
C ASP B 210 0.22 5.94 7.69
N THR B 211 0.01 6.67 8.78
CA THR B 211 0.82 7.86 9.01
C THR B 211 2.26 7.47 9.26
N GLU B 212 3.18 8.21 8.64
CA GLU B 212 4.60 7.87 8.73
C GLU B 212 5.12 8.14 10.14
N PHE B 213 4.75 9.29 10.72
CA PHE B 213 5.22 9.68 12.03
C PHE B 213 4.08 10.33 12.80
N VAL B 214 4.23 10.37 14.12
CA VAL B 214 3.25 10.95 15.02
C VAL B 214 3.97 11.89 15.97
N PHE B 215 3.46 13.11 16.10
CA PHE B 215 3.84 13.98 17.21
C PHE B 215 2.68 14.07 18.18
N LYS B 216 2.96 13.77 19.45
CA LYS B 216 1.97 13.81 20.52
C LYS B 216 2.46 14.80 21.58
N GLY B 217 1.67 15.82 21.86
CA GLY B 217 2.10 16.83 22.81
C GLY B 217 0.93 17.55 23.46
N ASP B 218 1.29 18.50 24.33
CA ASP B 218 0.34 19.31 25.07
C ASP B 218 -0.02 20.57 24.29
N ASP B 219 -1.08 21.25 24.72
CA ASP B 219 -1.57 22.43 24.03
C ASP B 219 -0.98 23.73 24.57
N ASP B 220 0.06 23.65 25.41
CA ASP B 220 0.74 24.85 25.91
C ASP B 220 2.23 24.83 25.58
N VAL B 221 2.62 24.14 24.51
CA VAL B 221 4.01 24.12 24.06
C VAL B 221 4.07 24.71 22.66
N PHE B 222 5.15 25.43 22.38
CA PHE B 222 5.48 25.83 21.03
C PHE B 222 6.30 24.73 20.38
N VAL B 223 5.95 24.39 19.15
CA VAL B 223 6.60 23.33 18.39
C VAL B 223 7.16 23.94 17.11
N ASN B 224 8.45 23.74 16.86
CA ASN B 224 9.05 24.17 15.60
C ASN B 224 8.79 23.07 14.57
N THR B 225 7.62 23.16 13.94
CA THR B 225 7.20 22.11 13.01
C THR B 225 8.15 22.01 11.83
N HIS B 226 8.63 23.15 11.32
CA HIS B 226 9.61 23.14 10.24
C HIS B 226 10.82 22.31 10.61
N HIS B 227 11.36 22.53 11.82
CA HIS B 227 12.53 21.78 12.26
C HIS B 227 12.22 20.30 12.42
N ILE B 228 11.04 19.97 12.93
CA ILE B 228 10.65 18.56 13.04
C ILE B 228 10.62 17.92 11.66
N LEU B 229 10.04 18.61 10.67
CA LEU B 229 9.93 18.04 9.33
C LEU B 229 11.30 17.85 8.69
N ASN B 230 12.20 18.83 8.83
CA ASN B 230 13.56 18.66 8.34
C ASN B 230 14.24 17.47 9.01
N TYR B 231 14.02 17.30 10.31
CA TYR B 231 14.65 16.20 11.04
C TYR B 231 14.11 14.86 10.58
N LEU B 232 12.78 14.73 10.49
CA LEU B 232 12.17 13.50 9.98
C LEU B 232 12.69 13.17 8.59
N ASN B 233 12.77 14.18 7.72
CA ASN B 233 13.26 13.95 6.36
C ASN B 233 14.73 13.55 6.34
N SER B 234 15.48 13.89 7.38
CA SER B 234 16.91 13.56 7.42
C SER B 234 17.19 12.14 7.89
N LEU B 235 16.17 11.42 8.35
CA LEU B 235 16.39 10.15 9.03
C LEU B 235 16.78 9.04 8.07
N SER B 236 17.61 8.13 8.56
CA SER B 236 17.91 6.89 7.85
C SER B 236 16.67 5.99 7.84
N LYS B 237 16.65 5.07 6.88
CA LYS B 237 15.58 4.07 6.85
C LYS B 237 15.52 3.29 8.16
N THR B 238 16.68 2.91 8.70
CA THR B 238 16.71 2.08 9.90
C THR B 238 16.18 2.84 11.11
N LYS B 239 16.57 4.11 11.26
CA LYS B 239 16.17 4.85 12.45
C LYS B 239 14.71 5.29 12.41
N ALA B 240 14.18 5.58 11.22
CA ALA B 240 12.79 6.01 11.12
C ALA B 240 11.81 4.93 11.57
N LYS B 241 12.18 3.66 11.40
CA LYS B 241 11.23 2.56 11.58
C LYS B 241 10.77 2.47 13.04
N ASP B 242 11.69 2.68 13.99
CA ASP B 242 11.38 2.57 15.41
C ASP B 242 11.60 3.88 16.16
N LEU B 243 11.42 5.01 15.47
CA LEU B 243 11.72 6.30 16.09
C LEU B 243 10.86 6.52 17.33
N PHE B 244 11.50 6.91 18.43
CA PHE B 244 10.79 7.49 19.57
C PHE B 244 11.77 8.42 20.28
N ILE B 245 11.54 9.72 20.16
CA ILE B 245 12.43 10.70 20.76
C ILE B 245 11.62 11.72 21.55
N GLY B 246 12.23 12.22 22.61
CA GLY B 246 11.70 13.32 23.37
C GLY B 246 12.70 13.77 24.41
N ASP B 247 12.22 14.38 25.48
CA ASP B 247 13.05 14.73 26.63
C ASP B 247 12.95 13.57 27.60
N VAL B 248 13.85 12.59 27.45
CA VAL B 248 13.75 11.34 28.19
C VAL B 248 14.29 11.52 29.60
N ILE B 249 13.54 11.03 30.59
CA ILE B 249 13.90 11.10 32.00
C ILE B 249 14.30 9.70 32.47
N HIS B 250 15.47 9.60 33.08
CA HIS B 250 16.02 8.31 33.52
C HIS B 250 16.03 8.23 35.05
N ASN B 251 15.68 7.05 35.56
CA ASN B 251 15.77 6.73 36.99
C ASN B 251 14.98 7.73 37.85
N ALA B 252 13.85 8.19 37.33
CA ALA B 252 12.95 8.96 38.16
C ALA B 252 12.12 8.02 39.03
N GLY B 253 11.52 8.58 40.07
CA GLY B 253 10.66 7.84 40.96
C GLY B 253 9.43 8.64 41.32
N PRO B 254 8.47 7.99 41.98
CA PRO B 254 7.24 8.70 42.37
C PRO B 254 7.54 9.83 43.34
N HIS B 255 6.82 10.94 43.16
CA HIS B 255 6.81 12.01 44.16
C HIS B 255 6.02 11.53 45.38
N ARG B 256 6.60 11.69 46.56
CA ARG B 256 5.95 11.26 47.80
C ARG B 256 5.39 12.41 48.62
N ASP B 257 5.61 13.65 48.20
CA ASP B 257 5.10 14.79 48.95
C ASP B 257 3.61 14.95 48.67
N LYS B 258 2.82 14.90 49.74
CA LYS B 258 1.35 14.89 49.66
C LYS B 258 0.78 16.12 48.95
N LYS B 259 1.56 17.18 48.81
CA LYS B 259 1.04 18.41 48.23
C LYS B 259 1.44 18.59 46.78
N LEU B 260 2.26 17.71 46.23
CA LEU B 260 2.75 17.90 44.87
C LEU B 260 1.76 17.32 43.85
N LYS B 261 1.76 17.95 42.67
CA LYS B 261 0.84 17.58 41.60
C LYS B 261 1.00 16.13 41.19
N TYR B 262 2.24 15.63 41.16
CA TYR B 262 2.52 14.26 40.78
C TYR B 262 2.71 13.33 41.98
N TYR B 263 2.11 13.69 43.11
CA TYR B 263 2.16 12.84 44.29
C TYR B 263 1.60 11.46 43.98
N ILE B 264 2.36 10.42 44.32
CA ILE B 264 1.92 9.04 44.19
C ILE B 264 2.21 8.35 45.53
N PRO B 265 1.19 7.89 46.26
CA PRO B 265 1.44 7.26 47.56
C PRO B 265 2.25 5.97 47.42
N GLU B 266 2.86 5.58 48.53
CA GLU B 266 3.64 4.35 48.57
C GLU B 266 2.74 3.13 48.37
N VAL B 267 1.52 3.17 48.92
CA VAL B 267 0.60 2.05 48.80
C VAL B 267 0.16 1.85 47.35
N VAL B 268 0.34 2.85 46.50
CA VAL B 268 -0.09 2.73 45.12
C VAL B 268 1.03 2.27 44.21
N TYR B 269 2.25 2.81 44.37
CA TYR B 269 3.33 2.44 43.48
C TYR B 269 4.67 2.52 44.22
N SER B 270 5.55 1.56 43.92
CA SER B 270 6.85 1.44 44.56
C SER B 270 7.92 1.21 43.51
N GLY B 271 9.13 1.67 43.80
CA GLY B 271 10.23 1.54 42.87
C GLY B 271 10.33 2.74 41.94
N LEU B 272 11.22 2.59 40.97
CA LEU B 272 11.52 3.67 40.05
C LEU B 272 10.60 3.62 38.82
N TYR B 273 10.53 4.73 38.13
CA TYR B 273 9.86 4.75 36.84
C TYR B 273 10.81 4.30 35.74
N PRO B 274 10.30 3.64 34.71
CA PRO B 274 11.15 3.31 33.56
C PRO B 274 11.54 4.57 32.83
N PRO B 275 12.51 4.51 31.90
CA PRO B 275 12.81 5.68 31.09
C PRO B 275 11.59 6.12 30.31
N TYR B 276 11.33 7.43 30.31
CA TYR B 276 10.14 7.95 29.65
C TYR B 276 10.39 9.39 29.24
N ALA B 277 9.81 9.77 28.10
CA ALA B 277 9.93 11.14 27.59
C ALA B 277 8.82 12.01 28.18
N GLY B 278 9.20 13.21 28.59
CA GLY B 278 8.22 14.11 29.18
C GLY B 278 7.06 14.37 28.24
N GLY B 279 5.85 14.41 28.83
CA GLY B 279 4.62 14.49 28.08
C GLY B 279 4.34 15.80 27.36
N GLY B 280 5.15 16.83 27.59
CA GLY B 280 4.98 18.06 26.83
C GLY B 280 4.99 17.82 25.34
N GLY B 281 5.79 16.85 24.89
CA GLY B 281 5.79 16.46 23.50
C GLY B 281 6.84 15.42 23.19
N PHE B 282 6.46 14.39 22.44
CA PHE B 282 7.43 13.43 21.92
C PHE B 282 7.02 13.05 20.51
N LEU B 283 7.93 12.35 19.84
CA LEU B 283 7.86 12.14 18.39
C LEU B 283 8.23 10.70 18.10
N TYR B 284 7.44 10.04 17.27
CA TYR B 284 7.67 8.62 17.04
C TYR B 284 7.05 8.19 15.72
N SER B 285 7.46 7.01 15.25
CA SER B 285 7.05 6.51 13.96
C SER B 285 5.66 5.91 14.03
N GLY B 286 4.96 5.95 12.90
CA GLY B 286 3.63 5.34 12.84
C GLY B 286 3.68 3.84 13.07
N HIS B 287 4.72 3.19 12.54
CA HIS B 287 4.89 1.76 12.78
C HIS B 287 5.00 1.45 14.26
N LEU B 288 5.72 2.28 15.01
CA LEU B 288 5.84 2.07 16.45
C LEU B 288 4.52 2.38 17.16
N ALA B 289 3.72 3.28 16.61
CA ALA B 289 2.43 3.59 17.21
C ALA B 289 1.51 2.38 17.19
N LEU B 290 1.56 1.59 16.12
CA LEU B 290 0.77 0.36 16.07
C LEU B 290 1.28 -0.65 17.09
N ARG B 291 2.60 -0.73 17.26
CA ARG B 291 3.15 -1.65 18.26
C ARG B 291 2.78 -1.22 19.67
N LEU B 292 2.87 0.09 19.96
CA LEU B 292 2.48 0.57 21.28
C LEU B 292 1.03 0.24 21.60
N TYR B 293 0.13 0.44 20.63
CA TYR B 293 -1.27 0.14 20.92
C TYR B 293 -1.48 -1.32 21.27
N HIS B 294 -0.82 -2.21 20.52
N HIS B 294 -0.80 -2.22 20.56
CA HIS B 294 -0.93 -3.65 20.78
CA HIS B 294 -1.03 -3.64 20.85
C HIS B 294 -0.50 -3.99 22.21
C HIS B 294 -0.47 -4.03 22.21
N ILE B 295 0.55 -3.33 22.70
CA ILE B 295 1.09 -3.68 24.01
C ILE B 295 0.29 -3.07 25.15
N THR B 296 -0.56 -2.06 24.89
CA THR B 296 -1.25 -1.39 26.00
C THR B 296 -2.12 -2.35 26.80
N ASP B 297 -2.70 -3.37 26.16
CA ASP B 297 -3.52 -4.33 26.88
C ASP B 297 -2.77 -5.00 28.02
N GLN B 298 -1.45 -5.08 27.91
CA GLN B 298 -0.63 -5.80 28.89
C GLN B 298 -0.09 -4.90 29.99
N VAL B 299 -0.41 -3.60 29.98
CA VAL B 299 0.06 -2.67 31.00
C VAL B 299 -1.16 -2.03 31.65
N HIS B 300 -1.25 -2.13 32.96
CA HIS B 300 -2.31 -1.47 33.71
C HIS B 300 -2.19 0.05 33.57
N LEU B 301 -3.33 0.72 33.46
CA LEU B 301 -3.35 2.17 33.39
C LEU B 301 -2.61 2.75 34.59
N TYR B 302 -1.94 3.87 34.37
CA TYR B 302 -1.18 4.53 35.41
C TYR B 302 -1.59 6.00 35.46
N PRO B 303 -1.60 6.60 36.67
CA PRO B 303 -2.11 7.98 36.78
C PRO B 303 -1.26 9.02 36.07
N ILE B 304 0.00 8.74 35.75
CA ILE B 304 0.88 9.67 35.05
C ILE B 304 1.02 9.16 33.63
N ASP B 305 0.54 9.94 32.65
CA ASP B 305 0.39 9.39 31.30
C ASP B 305 1.74 9.22 30.59
N ASP B 306 2.67 10.17 30.76
CA ASP B 306 3.94 10.02 30.04
C ASP B 306 4.79 8.92 30.66
N VAL B 307 4.59 8.60 31.94
CA VAL B 307 5.20 7.41 32.52
C VAL B 307 4.59 6.15 31.91
N TYR B 308 3.25 6.12 31.79
CA TYR B 308 2.58 4.96 31.21
C TYR B 308 3.16 4.62 29.84
N THR B 309 3.34 5.64 29.00
CA THR B 309 3.96 5.42 27.69
C THR B 309 5.35 4.82 27.84
N GLY B 310 6.12 5.29 28.84
CA GLY B 310 7.41 4.69 29.10
C GLY B 310 7.30 3.22 29.50
N MET B 311 6.28 2.89 30.30
CA MET B 311 6.06 1.50 30.67
C MET B 311 5.75 0.63 29.46
N CYS B 312 5.04 1.19 28.48
CA CYS B 312 4.71 0.42 27.28
C CYS B 312 5.92 0.22 26.38
N LEU B 313 6.70 1.28 26.17
CA LEU B 313 7.93 1.16 25.39
C LEU B 313 8.85 0.11 25.99
N GLN B 314 9.03 0.14 27.31
CA GLN B 314 9.88 -0.84 27.98
C GLN B 314 9.38 -2.26 27.73
N LYS B 315 8.06 -2.46 27.74
CA LYS B 315 7.52 -3.80 27.51
C LYS B 315 7.71 -4.26 26.07
N LEU B 316 7.94 -3.34 25.13
CA LEU B 316 8.32 -3.71 23.78
C LEU B 316 9.81 -3.94 23.64
N GLY B 317 10.58 -3.80 24.73
CA GLY B 317 12.02 -3.91 24.68
C GLY B 317 12.72 -2.74 24.06
N LEU B 318 12.12 -1.55 24.14
CA LEU B 318 12.67 -0.35 23.55
C LEU B 318 12.96 0.68 24.63
N VAL B 319 13.86 1.60 24.32
CA VAL B 319 14.20 2.71 25.21
C VAL B 319 14.00 4.02 24.44
N PRO B 320 13.20 4.94 24.96
CA PRO B 320 13.03 6.23 24.27
C PRO B 320 14.34 7.00 24.25
N GLU B 321 14.62 7.61 23.11
CA GLU B 321 15.89 8.27 22.85
C GLU B 321 15.79 9.75 23.21
N LYS B 322 16.73 10.22 24.03
CA LYS B 322 16.76 11.62 24.44
C LYS B 322 17.27 12.48 23.29
N HIS B 323 16.56 13.57 23.00
CA HIS B 323 16.94 14.51 21.96
C HIS B 323 16.99 15.90 22.57
N LYS B 324 18.13 16.58 22.40
CA LYS B 324 18.35 17.86 23.09
C LYS B 324 17.40 18.96 22.62
N GLY B 325 16.72 18.77 21.48
CA GLY B 325 15.84 19.79 20.96
C GLY B 325 14.53 19.94 21.70
N PHE B 326 14.25 19.07 22.67
CA PHE B 326 12.99 19.10 23.41
C PHE B 326 13.21 19.83 24.72
N ARG B 327 12.82 21.11 24.76
CA ARG B 327 13.06 21.96 25.92
C ARG B 327 11.80 22.00 26.78
N THR B 328 11.54 20.89 27.48
CA THR B 328 10.37 20.80 28.34
C THR B 328 10.47 21.70 29.56
N PHE B 329 11.65 22.26 29.86
CA PHE B 329 11.82 23.18 30.98
C PHE B 329 12.31 24.55 30.50
N ASP B 330 11.98 24.90 29.25
CA ASP B 330 12.22 26.21 28.65
C ASP B 330 13.68 26.43 28.28
N ILE B 331 13.96 27.62 27.77
CA ILE B 331 15.31 28.09 27.50
C ILE B 331 15.52 29.23 28.47
N GLU B 332 16.74 29.75 28.51
CA GLU B 332 17.07 30.75 29.51
C GLU B 332 16.60 32.14 29.07
N GLU B 333 16.06 32.90 30.03
CA GLU B 333 15.35 34.16 29.82
C GLU B 333 15.94 35.04 28.72
N LYS B 334 17.26 35.24 28.76
CA LYS B 334 17.88 36.12 27.79
C LYS B 334 17.69 35.59 26.37
N ASN B 335 17.70 34.26 26.22
CA ASN B 335 17.52 33.63 24.91
C ASN B 335 16.06 33.63 24.47
N LYS B 336 15.14 33.86 25.41
CA LYS B 336 13.72 33.76 25.10
C LYS B 336 13.29 34.81 24.08
N ASN B 337 13.88 36.00 24.12
CA ASN B 337 13.49 37.08 23.24
C ASN B 337 14.27 37.11 21.93
N ASN B 338 15.12 36.12 21.68
CA ASN B 338 15.92 36.03 20.47
C ASN B 338 15.37 34.89 19.61
N ILE B 339 14.75 35.23 18.48
CA ILE B 339 14.12 34.23 17.64
C ILE B 339 15.14 33.19 17.16
N CYS B 340 16.43 33.57 17.13
CA CYS B 340 17.47 32.62 16.75
C CYS B 340 17.47 31.41 17.68
N SER B 341 17.07 31.59 18.94
CA SER B 341 17.04 30.49 19.89
C SER B 341 16.06 29.40 19.49
N TYR B 342 15.04 29.73 18.72
CA TYR B 342 14.00 28.77 18.37
C TYR B 342 14.29 27.99 17.10
N VAL B 343 15.30 28.40 16.31
CA VAL B 343 15.55 27.76 15.02
C VAL B 343 15.99 26.32 15.21
N ASP B 344 16.79 26.04 16.24
CA ASP B 344 17.35 24.71 16.43
C ASP B 344 16.59 23.86 17.45
N LEU B 345 15.48 24.35 17.99
CA LEU B 345 14.69 23.56 18.91
C LEU B 345 13.61 22.78 18.18
N MET B 346 13.14 21.71 18.83
CA MET B 346 11.94 21.00 18.43
C MET B 346 10.70 21.49 19.17
N LEU B 347 10.79 21.71 20.48
CA LEU B 347 9.69 22.28 21.22
C LEU B 347 10.22 22.93 22.49
N VAL B 348 9.43 23.86 23.01
CA VAL B 348 9.72 24.52 24.29
C VAL B 348 8.42 24.65 25.08
N HIS B 349 8.50 24.36 26.37
CA HIS B 349 7.40 24.48 27.30
C HIS B 349 7.79 25.59 28.30
N SER B 350 6.87 26.49 28.64
CA SER B 350 5.51 26.55 28.09
C SER B 350 5.29 27.90 27.43
N ARG B 351 4.30 28.00 26.55
CA ARG B 351 4.00 29.24 25.86
C ARG B 351 2.50 29.46 25.78
N LYS B 352 2.10 30.72 25.94
CA LYS B 352 0.71 31.12 25.87
C LYS B 352 0.28 31.28 24.41
N PRO B 353 -1.04 31.33 24.15
CA PRO B 353 -1.50 31.47 22.75
C PRO B 353 -0.87 32.62 21.98
N GLN B 354 -0.86 33.83 22.55
CA GLN B 354 -0.24 34.97 21.89
C GLN B 354 1.23 34.70 21.58
N GLU B 355 1.95 34.12 22.54
CA GLU B 355 3.37 33.87 22.35
C GLU B 355 3.63 32.87 21.24
N MET B 356 2.75 31.88 21.09
CA MET B 356 2.91 30.89 20.02
C MET B 356 2.77 31.54 18.65
N ILE B 357 1.78 32.41 18.47
CA ILE B 357 1.59 33.10 17.20
C ILE B 357 2.75 34.05 16.94
N ASP B 358 3.22 34.73 17.98
CA ASP B 358 4.32 35.69 17.82
C ASP B 358 5.61 34.99 17.43
N ILE B 359 5.93 33.86 18.08
CA ILE B 359 7.15 33.14 17.74
C ILE B 359 7.07 32.55 16.34
N TRP B 360 5.91 31.96 16.00
CA TRP B 360 5.73 31.40 14.66
C TRP B 360 5.91 32.47 13.58
N SER B 361 5.32 33.65 13.79
CA SER B 361 5.42 34.72 12.81
C SER B 361 6.87 35.16 12.61
N GLN B 362 7.59 35.39 13.72
CA GLN B 362 8.99 35.77 13.61
C GLN B 362 9.84 34.66 13.01
N LEU B 363 9.47 33.40 13.26
CA LEU B 363 10.28 32.28 12.80
C LEU B 363 10.33 32.21 11.28
N GLN B 364 9.29 32.71 10.61
CA GLN B 364 9.23 32.60 9.16
C GLN B 364 10.38 33.33 8.48
N SER B 365 10.86 34.41 9.08
CA SER B 365 11.98 35.18 8.53
C SER B 365 13.29 34.90 9.27
N ALA B 366 13.30 33.92 10.17
CA ALA B 366 14.47 33.69 11.00
C ALA B 366 15.70 33.31 10.18
N HIS B 367 15.50 32.69 9.02
CA HIS B 367 16.65 32.31 8.21
C HIS B 367 17.39 33.53 7.70
N LEU B 368 16.71 34.68 7.62
CA LEU B 368 17.31 35.91 7.14
C LEU B 368 18.16 36.62 8.20
N LYS B 369 18.13 36.18 9.46
CA LYS B 369 18.91 36.84 10.50
C LYS B 369 19.49 35.88 11.52
N CYS B 370 19.34 34.58 11.33
CA CYS B 370 19.81 33.60 12.30
C CYS B 370 20.61 32.47 11.65
C1 NAG C . -12.31 -15.59 -17.11
C2 NAG C . -12.79 -15.28 -15.68
C3 NAG C . -13.92 -16.24 -15.28
C4 NAG C . -15.00 -16.32 -16.35
C5 NAG C . -14.39 -16.58 -17.72
C6 NAG C . -15.40 -16.55 -18.83
C7 NAG C . -11.19 -14.33 -14.07
C8 NAG C . -10.06 -14.63 -13.13
N2 NAG C . -11.69 -15.38 -14.73
O3 NAG C . -14.49 -15.80 -14.05
O4 NAG C . -15.86 -17.41 -16.08
O5 NAG C . -13.42 -15.57 -18.00
O6 NAG C . -16.08 -15.30 -18.89
O7 NAG C . -11.63 -13.20 -14.22
C1 NAG C . -17.14 -16.96 -15.64
C2 NAG C . -18.11 -18.13 -15.79
C3 NAG C . -19.47 -17.82 -15.16
C4 NAG C . -19.32 -17.24 -13.77
C5 NAG C . -18.32 -16.10 -13.78
C6 NAG C . -18.02 -15.52 -12.42
C7 NAG C . -17.85 -19.59 -17.76
C8 NAG C . -18.13 -19.75 -19.22
N2 NAG C . -18.27 -18.46 -17.21
O3 NAG C . -20.23 -19.03 -15.11
O4 NAG C . -20.59 -16.76 -13.35
O5 NAG C . -17.07 -16.57 -14.30
O6 NAG C . -17.32 -14.28 -12.52
O7 NAG C . -17.26 -20.45 -17.11
C1 BMA C . -20.87 -17.24 -12.02
C2 BMA C . -21.78 -16.18 -11.42
C3 BMA C . -22.13 -16.63 -10.00
C4 BMA C . -22.82 -18.01 -10.02
C5 BMA C . -21.83 -19.01 -10.67
C6 BMA C . -22.34 -20.42 -10.77
O2 BMA C . -22.97 -16.12 -12.17
O3 BMA C . -22.77 -15.61 -9.17
O4 BMA C . -23.14 -18.43 -8.71
O5 BMA C . -21.51 -18.53 -12.01
O6 BMA C . -23.30 -20.47 -11.82
C1 MAN C . -24.16 -15.37 -9.37
C2 MAN C . -24.33 -14.11 -10.23
C3 MAN C . -23.66 -12.93 -9.51
C4 MAN C . -24.15 -12.83 -8.05
C5 MAN C . -23.96 -14.20 -7.37
C6 MAN C . -24.40 -14.24 -5.93
O2 MAN C . -25.70 -13.75 -10.38
O3 MAN C . -23.86 -11.70 -10.19
O4 MAN C . -23.40 -11.85 -7.36
O5 MAN C . -24.72 -15.18 -8.12
O6 MAN C . -23.25 -14.46 -5.12
C1 MAN C . -23.79 -21.81 -11.96
C2 MAN C . -24.72 -21.86 -13.19
C3 MAN C . -25.98 -21.05 -12.90
C4 MAN C . -26.67 -21.56 -11.62
C5 MAN C . -25.68 -21.49 -10.44
C6 MAN C . -26.24 -22.08 -9.16
O2 MAN C . -25.18 -23.20 -13.45
O3 MAN C . -26.89 -21.08 -13.99
O4 MAN C . -27.81 -20.76 -11.34
O5 MAN C . -24.47 -22.23 -10.77
O6 MAN C . -25.87 -23.45 -9.11
C1 NAG D . -11.91 8.36 34.15
C2 NAG D . -12.29 8.69 35.60
C3 NAG D . -13.42 7.77 36.08
C4 NAG D . -14.58 7.71 35.08
C5 NAG D . -14.05 7.43 33.68
C6 NAG D . -15.13 7.50 32.64
C7 NAG D . -10.57 9.64 37.08
C8 NAG D . -9.39 9.33 37.95
N2 NAG D . -11.15 8.59 36.48
O3 NAG D . -13.91 8.26 37.33
O4 NAG D . -15.46 6.65 35.43
O5 NAG D . -13.07 8.40 33.33
O6 NAG D . -15.72 8.80 32.59
O7 NAG D . -10.98 10.78 36.91
C1 NAG D . -16.68 7.12 36.01
C2 NAG D . -17.72 6.01 35.92
C3 NAG D . -18.99 6.35 36.71
C4 NAG D . -18.67 6.89 38.09
C5 NAG D . -17.63 8.01 37.98
C6 NAG D . -17.19 8.57 39.30
C7 NAG D . -17.66 4.60 33.90
C8 NAG D . -18.11 4.48 32.47
N2 NAG D . -18.05 5.70 34.54
O3 NAG D . -19.81 5.20 36.82
O4 NAG D . -19.85 7.41 38.68
O5 NAG D . -16.47 7.50 37.33
O6 NAG D . -16.60 9.86 39.16
O7 NAG D . -16.97 3.75 34.44
C1 BMA D . -20.12 6.87 40.00
C2 BMA D . -21.22 7.74 40.59
C3 BMA D . -21.67 7.21 41.95
C4 BMA D . -21.80 5.68 42.04
C5 BMA D . -20.74 4.91 41.20
C6 BMA D . -21.19 3.51 40.91
O2 BMA D . -22.36 7.76 39.75
O3 BMA D . -22.93 7.77 42.30
O4 BMA D . -21.69 5.28 43.39
O5 BMA D . -20.57 5.53 39.93
O6 BMA D . -22.42 3.63 40.18
C1 MAN D . -22.70 9.08 42.85
C2 MAN D . -23.70 9.28 44.02
C3 MAN D . -23.60 10.71 44.55
C4 MAN D . -23.64 11.75 43.41
C5 MAN D . -22.64 11.41 42.27
C6 MAN D . -21.17 11.56 42.66
O2 MAN D . -23.39 8.42 45.13
O3 MAN D . -22.45 10.89 45.37
O4 MAN D . -24.95 11.78 42.86
O5 MAN D . -22.85 10.07 41.85
O6 MAN D . -20.38 11.24 41.52
C1 MAN D . -22.85 2.33 39.73
C2 MAN D . -24.03 2.54 38.74
C3 MAN D . -25.29 3.01 39.49
C4 MAN D . -25.56 2.15 40.76
C5 MAN D . -24.29 2.03 41.62
C6 MAN D . -24.46 1.11 42.80
O2 MAN D . -24.41 1.31 38.11
O3 MAN D . -26.44 3.01 38.65
O4 MAN D . -26.60 2.75 41.53
O5 MAN D . -23.21 1.52 40.81
O6 MAN D . -23.35 1.31 43.68
C1 NAG E . 11.93 -7.44 -12.25
C2 NAG E . 11.57 -8.90 -11.87
C3 NAG E . 10.45 -9.34 -12.86
C4 NAG E . 9.25 -8.34 -12.90
C5 NAG E . 9.75 -6.82 -12.84
C6 NAG E . 8.55 -5.94 -12.35
C7 NAG E . 13.05 -10.84 -11.19
C8 NAG E . 14.28 -11.63 -11.55
N2 NAG E . 12.71 -9.79 -12.06
O1 NAG E . 12.88 -7.05 -11.32
O3 NAG E . 9.90 -10.58 -12.53
O4 NAG E . 8.60 -8.51 -14.13
O5 NAG E . 10.82 -6.64 -11.95
O6 NAG E . 7.91 -6.52 -11.25
O7 NAG E . 12.37 -11.08 -10.20
C1 GAL E . 7.20 -8.56 -14.11
C2 GAL E . 6.63 -8.52 -15.55
C3 GAL E . 5.11 -8.62 -15.51
C4 GAL E . 4.74 -9.93 -14.77
C5 GAL E . 5.43 -10.04 -13.38
C6 GAL E . 5.24 -11.43 -12.73
O2 GAL E . 6.97 -7.25 -16.03
O3 GAL E . 4.72 -8.61 -16.84
O4 GAL E . 5.18 -10.96 -15.60
O5 GAL E . 6.79 -9.70 -13.43
O6 GAL E . 5.64 -11.30 -11.39
C1 NAG F . 12.82 15.86 37.66
C2 NAG F . 12.40 14.41 37.86
C3 NAG F . 11.20 14.13 36.91
C4 NAG F . 10.06 15.20 37.05
C5 NAG F . 10.68 16.68 37.20
C6 NAG F . 9.58 17.69 37.72
C7 NAG F . 14.01 12.54 38.34
C8 NAG F . 15.18 11.73 37.81
N2 NAG F . 13.52 13.53 37.50
O1 NAG F . 13.81 16.06 38.60
O3 NAG F . 10.61 12.89 37.16
O4 NAG F . 9.32 15.19 35.85
O5 NAG F . 11.76 16.67 38.09
O6 NAG F . 8.46 17.06 38.22
O7 NAG F . 13.51 12.31 39.44
C1 GAL F . 7.92 15.07 35.95
C2 GAL F . 7.25 15.17 34.56
C3 GAL F . 5.73 15.02 34.68
C4 GAL F . 5.42 13.69 35.42
C5 GAL F . 6.19 13.60 36.76
C6 GAL F . 5.99 12.28 37.51
O2 GAL F . 7.51 16.47 34.13
O3 GAL F . 5.24 15.07 33.38
O4 GAL F . 5.86 12.68 34.54
O5 GAL F . 7.56 13.89 36.60
O6 GAL F . 6.73 12.38 38.70
C1 NAG G . -17.05 -26.21 -23.46
C2 NAG G . -18.27 -25.29 -23.32
C3 NAG G . -19.30 -25.90 -22.36
C4 NAG G . -19.62 -27.34 -22.74
C5 NAG G . -18.33 -28.15 -22.89
C6 NAG G . -18.56 -29.57 -23.36
C7 NAG G . -18.16 -22.84 -23.50
C8 NAG G . -17.68 -21.57 -22.86
N2 NAG G . -17.88 -23.97 -22.84
O3 NAG G . -20.49 -25.13 -22.35
O4 NAG G . -20.41 -27.94 -21.72
O5 NAG G . -17.49 -27.52 -23.85
O6 NAG G . -18.88 -29.62 -24.74
O7 NAG G . -18.77 -22.85 -24.56
C1 NAG H . 5.79 -8.34 -55.85
C2 NAG H . 7.00 -8.47 -56.80
C3 NAG H . 6.55 -8.36 -58.27
C4 NAG H . 5.37 -9.28 -58.56
C5 NAG H . 4.26 -9.02 -57.57
C6 NAG H . 3.06 -9.92 -57.75
C7 NAG H . 8.97 -7.62 -55.62
C8 NAG H . 9.91 -6.46 -55.45
N2 NAG H . 7.99 -7.45 -56.51
O3 NAG H . 7.65 -8.70 -59.11
O4 NAG H . 4.88 -9.04 -59.88
O5 NAG H . 4.75 -9.25 -56.25
O6 NAG H . 1.90 -9.35 -57.17
O7 NAG H . 9.10 -8.66 -54.99
O1 P6G I . -3.78 9.20 -21.85
C2 P6G I . -3.61 7.90 -22.30
C3 P6G I . -4.96 7.46 -22.92
O4 P6G I . -4.98 6.05 -22.94
C5 P6G I . -5.97 5.54 -22.04
C6 P6G I . -5.30 5.37 -20.66
O7 P6G I . -6.29 5.49 -19.68
C8 P6G I . -6.66 6.84 -19.48
C9 P6G I . -7.81 6.87 -18.46
O10 P6G I . -8.89 6.15 -19.01
C11 P6G I . -10.04 6.26 -18.19
C12 P6G I . -10.55 4.85 -17.88
O13 P6G I . -9.56 4.17 -17.13
C14 P6G I . -10.13 3.18 -16.30
C15 P6G I . -9.43 1.83 -16.57
O16 P6G I . -10.06 1.16 -17.66
C17 P6G I . -11.45 0.95 -17.45
C18 P6G I . -12.20 1.69 -18.57
O19 P6G I . -13.54 1.34 -18.47
C1 NAG J . -17.38 -1.91 28.35
C2 NAG J . -18.55 -0.91 28.41
C3 NAG J . -19.59 -1.37 29.43
C4 NAG J . -20.04 -2.79 29.13
C5 NAG J . -18.83 -3.71 29.13
C6 NAG J . -19.16 -5.14 28.81
C7 NAG J . -18.35 1.50 28.00
C8 NAG J . -17.79 2.80 28.50
N2 NAG J . -18.07 0.42 28.74
O3 NAG J . -20.71 -0.49 29.40
O4 NAG J . -20.96 -3.22 30.13
O5 NAG J . -17.89 -3.26 28.13
O6 NAG J . -19.33 -5.36 27.42
O7 NAG J . -19.04 1.44 26.99
#